data_7ZY5
#
_entry.id   7ZY5
#
_cell.length_a   64.740
_cell.length_b   68.680
_cell.length_c   332.880
_cell.angle_alpha   90.000
_cell.angle_beta   90.000
_cell.angle_gamma   90.000
#
_symmetry.space_group_name_H-M   'C 2 2 21'
#
loop_
_entity.id
_entity.type
_entity.pdbx_description
1 polymer 'Casein kinase II subunit alpha'
2 non-polymer 1-NAPHTHOL
3 non-polymer 'ACETATE ION'
4 water water
#
_entity_poly.entity_id   1
_entity_poly.type   'polypeptide(L)'
_entity_poly.pdbx_seq_one_letter_code
;GSMDIEFDDDADDDGSGSGSGSGSSGPVPSRARVYTDVNTHRPSEYWDYESHVVEWGNQDDYQLVRKLGRGKYSEVFEAI
NITNNEKVVVKILKPVKKKKIKREIKILENLRGGPNIITLADIVKDPVSRTPALVFEHVNNTDFKQLYQTLTDYDIRFYM
YEILKALDYCHSMGIMHRDVKPHNVMIDHEHRKLRLIDWGLAEFYHPGQEYNVRVASRYFKGPELLVDYQMYDYSLDMWS
LGCMLASMIFRKEPFFHGHDNYDQLVRIAKVLGTEDLYDYIDKYNIELDPRFNDILGRHSRKRWERFVHSENQHLVSPEA
LDFLDKLLRYDHQSRLTAREAMEHPYFYTVVK
;
_entity_poly.pdbx_strand_id   A,B
#
loop_
_chem_comp.id
_chem_comp.type
_chem_comp.name
_chem_comp.formula
1NP non-polymer 1-NAPHTHOL 'C10 H8 O'
ACT non-polymer 'ACETATE ION' 'C2 H3 O2 -1'
#
# COMPACT_ATOMS: atom_id res chain seq x y z
N SER A 25 34.35 -27.69 4.56
CA SER A 25 34.25 -26.31 5.03
C SER A 25 32.88 -25.68 4.68
N GLY A 26 31.82 -26.38 5.09
CA GLY A 26 30.43 -25.97 4.87
C GLY A 26 29.86 -26.56 3.58
N PRO A 27 28.61 -26.19 3.21
CA PRO A 27 28.03 -26.77 1.98
C PRO A 27 28.53 -26.14 0.70
N VAL A 28 28.49 -26.90 -0.40
CA VAL A 28 28.90 -26.49 -1.74
C VAL A 28 27.85 -25.44 -2.24
N PRO A 29 28.27 -24.27 -2.80
CA PRO A 29 27.27 -23.31 -3.29
C PRO A 29 26.54 -23.77 -4.56
N SER A 30 25.37 -23.16 -4.85
CA SER A 30 24.53 -23.48 -6.00
C SER A 30 23.87 -22.19 -6.48
N ARG A 31 23.46 -22.17 -7.74
CA ARG A 31 22.70 -21.06 -8.32
C ARG A 31 21.70 -21.56 -9.36
N ALA A 32 20.64 -20.78 -9.61
CA ALA A 32 19.61 -21.09 -10.60
C ALA A 32 20.24 -21.19 -11.98
N ARG A 33 19.75 -22.11 -12.81
CA ARG A 33 20.20 -22.29 -14.19
C ARG A 33 19.55 -21.25 -15.13
N VAL A 34 18.42 -20.64 -14.71
CA VAL A 34 17.66 -19.62 -15.46
C VAL A 34 17.43 -18.40 -14.57
N TYR A 35 17.28 -17.19 -15.18
CA TYR A 35 16.98 -15.93 -14.46
C TYR A 35 17.87 -15.72 -13.25
N THR A 36 19.13 -16.14 -13.39
CA THR A 36 20.10 -16.12 -12.30
C THR A 36 20.35 -14.73 -11.76
N ASP A 37 20.59 -13.76 -12.65
CA ASP A 37 20.96 -12.39 -12.28
C ASP A 37 19.89 -11.32 -12.53
N VAL A 38 18.62 -11.73 -12.68
CA VAL A 38 17.53 -10.79 -12.99
C VAL A 38 17.39 -9.68 -11.94
N ASN A 39 17.55 -9.99 -10.64
CA ASN A 39 17.47 -8.99 -9.57
C ASN A 39 18.75 -8.19 -9.42
N THR A 40 19.90 -8.83 -9.69
CA THR A 40 21.21 -8.16 -9.57
C THR A 40 21.31 -6.95 -10.53
N HIS A 41 20.76 -7.10 -11.73
CA HIS A 41 20.79 -6.01 -12.74
C HIS A 41 19.60 -5.05 -12.54
N ARG A 42 18.84 -5.25 -11.47
N ARG A 42 18.84 -5.25 -11.47
CA ARG A 42 17.67 -4.37 -11.18
CA ARG A 42 17.67 -4.37 -11.18
C ARG A 42 18.05 -3.36 -10.09
C ARG A 42 18.05 -3.37 -10.09
N PRO A 43 17.36 -2.21 -10.02
CA PRO A 43 17.64 -1.24 -8.95
C PRO A 43 17.13 -1.80 -7.61
N SER A 44 17.70 -1.35 -6.49
CA SER A 44 17.31 -1.95 -5.19
C SER A 44 15.81 -1.75 -4.93
N GLU A 45 15.23 -0.64 -5.41
CA GLU A 45 13.79 -0.38 -5.14
C GLU A 45 12.94 -1.60 -5.51
N TYR A 46 13.34 -2.34 -6.55
CA TYR A 46 12.53 -3.50 -7.03
C TYR A 46 12.49 -4.63 -5.99
N TRP A 47 13.62 -4.94 -5.36
CA TRP A 47 13.66 -6.12 -4.44
C TRP A 47 13.87 -5.71 -2.98
N ASP A 48 14.21 -4.43 -2.72
CA ASP A 48 14.38 -3.95 -1.32
C ASP A 48 13.00 -3.65 -0.74
N TYR A 49 12.26 -4.69 -0.35
CA TYR A 49 10.87 -4.50 0.15
C TYR A 49 10.87 -3.77 1.50
N GLU A 50 11.92 -3.96 2.30
CA GLU A 50 11.98 -3.29 3.62
C GLU A 50 11.85 -1.77 3.49
N SER A 51 12.42 -1.19 2.40
CA SER A 51 12.41 0.24 2.10
C SER A 51 11.16 0.67 1.33
N HIS A 52 10.34 -0.28 0.85
CA HIS A 52 9.11 0.04 0.10
C HIS A 52 8.10 0.75 1.02
N VAL A 53 7.54 1.85 0.53
CA VAL A 53 6.57 2.64 1.28
C VAL A 53 5.17 2.16 0.89
N VAL A 54 4.45 1.60 1.86
CA VAL A 54 3.11 1.08 1.60
C VAL A 54 2.11 2.18 1.94
N GLU A 55 1.21 2.46 1.01
CA GLU A 55 0.14 3.43 1.21
C GLU A 55 -1.21 2.72 1.23
N TRP A 56 -1.91 2.86 2.36
CA TRP A 56 -3.17 2.20 2.71
C TRP A 56 -4.35 3.15 2.46
N GLY A 57 -5.27 2.73 1.58
CA GLY A 57 -6.50 3.47 1.30
C GLY A 57 -7.51 3.25 2.42
N ASN A 58 -8.68 3.85 2.31
CA ASN A 58 -9.73 3.75 3.34
C ASN A 58 -10.60 2.52 3.03
N GLN A 59 -10.78 1.62 4.00
CA GLN A 59 -11.59 0.40 3.77
C GLN A 59 -13.10 0.67 3.62
N ASP A 60 -13.56 1.91 3.94
CA ASP A 60 -14.95 2.33 3.79
C ASP A 60 -15.50 2.15 2.35
N ASP A 61 -14.63 2.08 1.34
CA ASP A 61 -15.03 1.87 -0.06
C ASP A 61 -15.45 0.43 -0.31
N TYR A 62 -15.24 -0.47 0.68
CA TYR A 62 -15.54 -1.88 0.56
C TYR A 62 -16.49 -2.35 1.63
N GLN A 63 -17.55 -3.06 1.21
CA GLN A 63 -18.51 -3.65 2.14
C GLN A 63 -18.30 -5.16 2.17
N LEU A 64 -17.96 -5.71 3.35
CA LEU A 64 -17.77 -7.15 3.51
C LEU A 64 -19.13 -7.86 3.38
N VAL A 65 -19.18 -8.95 2.61
CA VAL A 65 -20.41 -9.71 2.34
C VAL A 65 -20.48 -10.98 3.20
N ARG A 66 -19.48 -11.87 3.06
CA ARG A 66 -19.40 -13.15 3.77
C ARG A 66 -17.96 -13.62 3.91
N LYS A 67 -17.68 -14.45 4.94
CA LYS A 67 -16.37 -15.02 5.20
C LYS A 67 -16.20 -16.21 4.25
N LEU A 68 -15.04 -16.30 3.61
CA LEU A 68 -14.73 -17.37 2.67
C LEU A 68 -13.87 -18.44 3.34
N GLY A 69 -12.89 -18.00 4.11
CA GLY A 69 -11.96 -18.89 4.81
C GLY A 69 -11.19 -18.22 5.94
N ARG A 70 -10.41 -19.03 6.66
CA ARG A 70 -9.60 -18.56 7.78
C ARG A 70 -8.26 -19.29 7.78
N GLY A 71 -7.19 -18.51 7.74
CA GLY A 71 -5.81 -18.99 7.77
C GLY A 71 -5.20 -18.84 9.15
N LYS A 72 -3.89 -19.07 9.24
CA LYS A 72 -3.19 -18.93 10.54
C LYS A 72 -3.10 -17.46 10.90
N TYR A 73 -2.77 -16.60 9.92
CA TYR A 73 -2.63 -15.15 10.19
C TYR A 73 -3.51 -14.36 9.21
N SER A 74 -4.67 -14.91 8.82
CA SER A 74 -5.49 -14.22 7.79
C SER A 74 -6.95 -14.66 7.80
N GLU A 75 -7.88 -13.71 7.63
CA GLU A 75 -9.32 -13.96 7.47
C GLU A 75 -9.68 -13.42 6.10
N VAL A 76 -10.28 -14.27 5.26
CA VAL A 76 -10.63 -13.94 3.88
C VAL A 76 -12.14 -13.76 3.74
N PHE A 77 -12.56 -12.65 3.11
CA PHE A 77 -13.96 -12.31 2.90
C PHE A 77 -14.25 -11.98 1.45
N GLU A 78 -15.49 -12.23 1.03
CA GLU A 78 -16.00 -11.80 -0.26
C GLU A 78 -16.55 -10.40 0.05
N ALA A 79 -16.30 -9.44 -0.84
CA ALA A 79 -16.73 -8.07 -0.62
C ALA A 79 -17.19 -7.38 -1.88
N ILE A 80 -17.77 -6.20 -1.71
CA ILE A 80 -18.26 -5.36 -2.78
C ILE A 80 -17.57 -4.00 -2.64
N ASN A 81 -17.04 -3.51 -3.75
CA ASN A 81 -16.45 -2.18 -3.86
C ASN A 81 -17.68 -1.29 -4.11
N ILE A 82 -18.06 -0.45 -3.13
CA ILE A 82 -19.29 0.35 -3.22
C ILE A 82 -19.22 1.52 -4.24
N THR A 83 -18.01 1.84 -4.77
CA THR A 83 -17.83 2.91 -5.76
C THR A 83 -18.11 2.44 -7.21
N ASN A 84 -18.03 1.11 -7.48
CA ASN A 84 -18.25 0.57 -8.82
C ASN A 84 -19.14 -0.68 -8.83
N ASN A 85 -19.62 -1.15 -7.65
CA ASN A 85 -20.49 -2.32 -7.50
C ASN A 85 -19.83 -3.64 -8.00
N GLU A 86 -18.50 -3.73 -7.88
CA GLU A 86 -17.75 -4.91 -8.30
C GLU A 86 -17.38 -5.78 -7.11
N LYS A 87 -17.51 -7.12 -7.26
CA LYS A 87 -17.12 -8.06 -6.21
C LYS A 87 -15.60 -8.16 -6.19
N VAL A 88 -15.05 -8.25 -4.97
CA VAL A 88 -13.61 -8.38 -4.69
C VAL A 88 -13.43 -9.39 -3.55
N VAL A 89 -12.18 -9.78 -3.29
CA VAL A 89 -11.83 -10.64 -2.17
C VAL A 89 -10.96 -9.79 -1.23
N VAL A 90 -11.30 -9.77 0.06
CA VAL A 90 -10.55 -8.94 1.05
C VAL A 90 -9.85 -9.86 2.05
N LYS A 91 -8.52 -9.83 2.09
CA LYS A 91 -7.74 -10.66 3.03
C LYS A 91 -7.31 -9.79 4.21
N ILE A 92 -8.01 -9.91 5.33
CA ILE A 92 -7.64 -9.14 6.56
C ILE A 92 -6.42 -9.80 7.18
N LEU A 93 -5.22 -9.30 6.85
CA LEU A 93 -3.97 -9.92 7.35
C LEU A 93 -3.77 -9.60 8.83
N LYS A 94 -3.62 -10.62 9.67
CA LYS A 94 -3.32 -10.37 11.11
C LYS A 94 -1.88 -9.87 11.19
N PRO A 95 -1.60 -8.68 11.76
CA PRO A 95 -0.24 -8.12 11.77
C PRO A 95 0.70 -8.95 12.66
N VAL A 96 0.82 -10.25 12.37
CA VAL A 96 1.71 -11.15 13.17
C VAL A 96 3.16 -10.72 12.98
N LYS A 97 3.52 -10.32 11.76
CA LYS A 97 4.93 -9.93 11.47
C LYS A 97 4.95 -8.94 10.30
N LYS A 98 5.38 -7.70 10.54
CA LYS A 98 5.51 -6.71 9.45
C LYS A 98 6.69 -7.13 8.57
N LYS A 99 7.02 -6.33 7.54
CA LYS A 99 8.11 -6.70 6.60
C LYS A 99 7.65 -7.90 5.75
N LYS A 100 7.11 -8.94 6.40
CA LYS A 100 6.55 -10.08 5.63
C LYS A 100 5.40 -9.53 4.78
N ILE A 101 4.53 -8.72 5.38
CA ILE A 101 3.42 -8.08 4.62
C ILE A 101 4.06 -7.16 3.58
N LYS A 102 5.05 -6.37 3.99
CA LYS A 102 5.77 -5.49 3.03
C LYS A 102 6.29 -6.36 1.89
N ARG A 103 6.91 -7.50 2.25
CA ARG A 103 7.44 -8.42 1.21
C ARG A 103 6.31 -8.87 0.28
N GLU A 104 5.17 -9.28 0.84
CA GLU A 104 4.03 -9.80 0.02
C GLU A 104 3.47 -8.70 -0.87
N ILE A 105 3.28 -7.50 -0.31
CA ILE A 105 2.75 -6.35 -1.10
C ILE A 105 3.75 -5.99 -2.22
N LYS A 106 5.05 -5.92 -1.89
CA LYS A 106 6.02 -5.58 -2.93
C LYS A 106 6.01 -6.60 -4.04
N ILE A 107 5.95 -7.89 -3.68
CA ILE A 107 5.92 -8.92 -4.69
C ILE A 107 4.64 -8.85 -5.53
N LEU A 108 3.49 -8.67 -4.87
CA LEU A 108 2.20 -8.56 -5.54
C LEU A 108 2.16 -7.39 -6.52
N GLU A 109 2.74 -6.25 -6.11
CA GLU A 109 2.79 -5.06 -6.97
C GLU A 109 3.72 -5.29 -8.15
N ASN A 110 4.88 -5.96 -7.92
CA ASN A 110 5.81 -6.28 -9.00
C ASN A 110 5.20 -7.18 -10.06
N LEU A 111 4.44 -8.20 -9.62
CA LEU A 111 3.85 -9.19 -10.51
C LEU A 111 2.49 -8.82 -11.06
N ARG A 112 1.84 -7.78 -10.50
CA ARG A 112 0.50 -7.31 -10.86
C ARG A 112 0.32 -7.22 -12.37
N GLY A 113 -0.64 -7.99 -12.88
CA GLY A 113 -0.94 -8.04 -14.30
C GLY A 113 -0.32 -9.19 -15.05
N GLY A 114 0.62 -9.91 -14.42
CA GLY A 114 1.24 -11.07 -15.05
C GLY A 114 0.27 -12.22 -15.33
N PRO A 115 0.60 -13.11 -16.30
CA PRO A 115 -0.33 -14.21 -16.63
C PRO A 115 -0.59 -15.12 -15.44
N ASN A 116 -1.89 -15.26 -15.11
CA ASN A 116 -2.39 -16.15 -14.06
C ASN A 116 -1.91 -15.80 -12.65
N ILE A 117 -1.47 -14.57 -12.44
CA ILE A 117 -1.07 -14.10 -11.12
C ILE A 117 -2.29 -13.40 -10.54
N ILE A 118 -2.64 -13.69 -9.26
CA ILE A 118 -3.73 -12.98 -8.58
C ILE A 118 -3.43 -11.46 -8.58
N THR A 119 -4.45 -10.66 -8.93
CA THR A 119 -4.29 -9.20 -9.01
C THR A 119 -4.57 -8.58 -7.65
N LEU A 120 -3.60 -7.84 -7.13
CA LEU A 120 -3.81 -7.07 -5.93
C LEU A 120 -4.49 -5.76 -6.42
N ALA A 121 -5.80 -5.65 -6.21
CA ALA A 121 -6.57 -4.50 -6.69
C ALA A 121 -6.38 -3.24 -5.83
N ASP A 122 -6.17 -3.43 -4.52
CA ASP A 122 -6.04 -2.32 -3.56
C ASP A 122 -5.43 -2.81 -2.26
N ILE A 123 -5.00 -1.85 -1.42
CA ILE A 123 -4.41 -2.06 -0.10
C ILE A 123 -5.15 -1.06 0.79
N VAL A 124 -5.83 -1.54 1.83
CA VAL A 124 -6.65 -0.67 2.69
C VAL A 124 -6.49 -0.99 4.17
N LYS A 125 -7.03 -0.06 4.98
CA LYS A 125 -7.09 -0.18 6.42
C LYS A 125 -8.46 0.29 6.89
N ASP A 126 -9.01 -0.42 7.87
CA ASP A 126 -10.28 -0.02 8.42
C ASP A 126 -9.98 1.18 9.35
N PRO A 127 -10.77 2.28 9.31
CA PRO A 127 -10.41 3.44 10.15
C PRO A 127 -10.35 3.16 11.65
N VAL A 128 -11.30 2.32 12.20
CA VAL A 128 -11.35 2.07 13.65
C VAL A 128 -10.30 1.06 14.10
N SER A 129 -10.26 -0.16 13.50
CA SER A 129 -9.32 -1.22 13.91
C SER A 129 -7.89 -0.92 13.48
N ARG A 130 -7.74 -0.24 12.33
CA ARG A 130 -6.39 0.07 11.77
C ARG A 130 -5.73 -1.24 11.34
N THR A 131 -6.55 -2.26 11.06
CA THR A 131 -6.01 -3.59 10.64
C THR A 131 -5.66 -3.56 9.15
N PRO A 132 -4.47 -4.04 8.74
CA PRO A 132 -4.08 -4.07 7.32
C PRO A 132 -4.99 -5.03 6.54
N ALA A 133 -5.30 -4.68 5.29
CA ALA A 133 -6.19 -5.53 4.47
C ALA A 133 -5.79 -5.46 2.99
N LEU A 134 -5.63 -6.62 2.36
CA LEU A 134 -5.30 -6.69 0.94
C LEU A 134 -6.58 -6.97 0.17
N VAL A 135 -6.78 -6.26 -0.93
CA VAL A 135 -7.98 -6.40 -1.76
C VAL A 135 -7.57 -7.02 -3.08
N PHE A 136 -8.14 -8.19 -3.41
CA PHE A 136 -7.83 -8.92 -4.64
C PHE A 136 -9.00 -8.99 -5.57
N GLU A 137 -8.71 -9.28 -6.86
CA GLU A 137 -9.70 -9.58 -7.87
C GLU A 137 -10.46 -10.83 -7.37
N HIS A 138 -11.74 -10.87 -7.69
CA HIS A 138 -12.61 -11.97 -7.31
C HIS A 138 -12.41 -13.15 -8.26
N VAL A 139 -12.28 -14.34 -7.69
CA VAL A 139 -12.18 -15.57 -8.47
C VAL A 139 -13.33 -16.46 -7.98
N ASN A 140 -14.20 -16.87 -8.90
CA ASN A 140 -15.30 -17.76 -8.59
C ASN A 140 -14.79 -19.22 -8.62
N ASN A 141 -14.10 -19.60 -7.53
CA ASN A 141 -13.41 -20.87 -7.37
C ASN A 141 -14.30 -22.12 -7.37
N THR A 142 -13.85 -23.15 -8.11
CA THR A 142 -14.48 -24.47 -8.15
C THR A 142 -13.76 -25.25 -7.04
N ASP A 143 -14.52 -25.95 -6.18
CA ASP A 143 -13.96 -26.75 -5.07
C ASP A 143 -12.97 -27.78 -5.61
N PHE A 144 -11.81 -27.93 -4.95
CA PHE A 144 -10.75 -28.86 -5.36
C PHE A 144 -11.23 -30.31 -5.39
N LYS A 145 -11.92 -30.76 -4.33
CA LYS A 145 -12.46 -32.12 -4.23
C LYS A 145 -13.53 -32.40 -5.31
N GLN A 146 -14.20 -31.33 -5.79
CA GLN A 146 -15.20 -31.40 -6.85
C GLN A 146 -14.49 -31.45 -8.21
N LEU A 147 -13.43 -30.61 -8.38
CA LEU A 147 -12.62 -30.49 -9.59
C LEU A 147 -11.86 -31.79 -9.88
N TYR A 148 -11.08 -32.28 -8.90
CA TYR A 148 -10.26 -33.50 -8.92
C TYR A 148 -10.99 -34.76 -9.50
N GLN A 149 -12.32 -34.82 -9.39
CA GLN A 149 -13.13 -35.95 -9.87
C GLN A 149 -13.71 -35.79 -11.30
N THR A 150 -13.83 -34.54 -11.81
CA THR A 150 -14.39 -34.27 -13.14
C THR A 150 -13.31 -33.97 -14.22
N LEU A 151 -12.06 -33.67 -13.80
CA LEU A 151 -11.01 -33.34 -14.76
C LEU A 151 -10.51 -34.53 -15.56
N THR A 152 -10.42 -34.33 -16.87
CA THR A 152 -9.96 -35.28 -17.90
C THR A 152 -8.44 -35.14 -18.05
N ASP A 153 -7.82 -35.99 -18.89
CA ASP A 153 -6.39 -35.92 -19.19
C ASP A 153 -6.08 -34.54 -19.83
N TYR A 154 -6.95 -34.05 -20.74
CA TYR A 154 -6.79 -32.75 -21.38
C TYR A 154 -6.82 -31.60 -20.37
N ASP A 155 -7.82 -31.58 -19.47
CA ASP A 155 -7.96 -30.56 -18.43
C ASP A 155 -6.68 -30.44 -17.59
N ILE A 156 -6.08 -31.59 -17.18
CA ILE A 156 -4.85 -31.62 -16.38
C ILE A 156 -3.71 -30.94 -17.15
N ARG A 157 -3.53 -31.31 -18.43
CA ARG A 157 -2.50 -30.73 -19.31
C ARG A 157 -2.73 -29.22 -19.47
N PHE A 158 -3.99 -28.80 -19.69
CA PHE A 158 -4.38 -27.39 -19.84
C PHE A 158 -3.98 -26.58 -18.60
N TYR A 159 -4.49 -26.97 -17.43
CA TYR A 159 -4.25 -26.26 -16.18
C TYR A 159 -2.78 -26.32 -15.74
N MET A 160 -2.07 -27.44 -15.98
CA MET A 160 -0.63 -27.51 -15.66
C MET A 160 0.13 -26.44 -16.47
N TYR A 161 -0.23 -26.28 -17.76
CA TYR A 161 0.38 -25.29 -18.64
C TYR A 161 0.07 -23.86 -18.13
N GLU A 162 -1.17 -23.62 -17.66
CA GLU A 162 -1.54 -22.31 -17.08
C GLU A 162 -0.68 -21.99 -15.85
N ILE A 163 -0.41 -23.00 -15.01
CA ILE A 163 0.44 -22.81 -13.83
C ILE A 163 1.88 -22.50 -14.26
N LEU A 164 2.36 -23.19 -15.31
CA LEU A 164 3.71 -22.96 -15.82
C LEU A 164 3.88 -21.53 -16.34
N LYS A 165 2.83 -20.95 -16.94
CA LYS A 165 2.86 -19.56 -17.42
C LYS A 165 3.10 -18.62 -16.23
N ALA A 166 2.39 -18.85 -15.10
CA ALA A 166 2.52 -18.05 -13.88
C ALA A 166 3.90 -18.22 -13.30
N LEU A 167 4.42 -19.47 -13.27
CA LEU A 167 5.73 -19.75 -12.70
C LEU A 167 6.88 -19.19 -13.55
N ASP A 168 6.84 -19.43 -14.88
CA ASP A 168 7.90 -18.87 -15.74
C ASP A 168 7.89 -17.34 -15.63
N TYR A 169 6.69 -16.74 -15.57
CA TYR A 169 6.59 -15.29 -15.38
C TYR A 169 7.18 -14.83 -14.04
N CYS A 170 6.79 -15.42 -12.88
CA CYS A 170 7.34 -14.90 -11.63
C CYS A 170 8.85 -15.17 -11.47
N HIS A 171 9.33 -16.35 -11.97
CA HIS A 171 10.77 -16.69 -11.96
C HIS A 171 11.53 -15.65 -12.83
N SER A 172 10.96 -15.27 -14.00
CA SER A 172 11.55 -14.24 -14.87
C SER A 172 11.59 -12.88 -14.18
N MET A 173 10.66 -12.69 -13.22
CA MET A 173 10.60 -11.46 -12.44
C MET A 173 11.44 -11.58 -11.18
N GLY A 174 12.27 -12.61 -11.11
CA GLY A 174 13.18 -12.83 -9.99
C GLY A 174 12.51 -13.23 -8.71
N ILE A 175 11.35 -13.90 -8.82
CA ILE A 175 10.59 -14.28 -7.64
C ILE A 175 10.30 -15.78 -7.58
N MET A 176 10.45 -16.36 -6.38
CA MET A 176 10.07 -17.78 -6.19
C MET A 176 8.85 -17.82 -5.24
N HIS A 177 7.78 -18.52 -5.63
CA HIS A 177 6.53 -18.57 -4.81
C HIS A 177 6.81 -19.24 -3.46
N ARG A 178 7.43 -20.42 -3.48
CA ARG A 178 7.84 -21.11 -2.22
C ARG A 178 6.62 -21.68 -1.47
N ASP A 179 5.43 -21.67 -2.08
CA ASP A 179 4.25 -22.31 -1.43
C ASP A 179 3.32 -22.88 -2.50
N VAL A 180 3.89 -23.53 -3.51
CA VAL A 180 3.06 -24.15 -4.61
C VAL A 180 2.31 -25.36 -4.05
N LYS A 181 0.98 -25.35 -4.14
CA LYS A 181 0.11 -26.42 -3.66
C LYS A 181 -1.30 -26.25 -4.25
N PRO A 182 -2.14 -27.32 -4.29
CA PRO A 182 -3.49 -27.18 -4.86
C PRO A 182 -4.35 -26.05 -4.26
N HIS A 183 -4.26 -25.83 -2.95
CA HIS A 183 -5.11 -24.78 -2.32
C HIS A 183 -4.69 -23.37 -2.75
N ASN A 184 -3.47 -23.22 -3.28
CA ASN A 184 -2.97 -21.89 -3.74
C ASN A 184 -3.20 -21.77 -5.25
N VAL A 185 -3.94 -22.72 -5.84
CA VAL A 185 -4.27 -22.66 -7.29
C VAL A 185 -5.79 -22.52 -7.42
N MET A 186 -6.27 -21.31 -7.71
CA MET A 186 -7.71 -21.04 -7.81
C MET A 186 -8.17 -21.18 -9.26
N ILE A 187 -9.15 -22.05 -9.51
CA ILE A 187 -9.66 -22.30 -10.86
C ILE A 187 -11.15 -22.02 -10.96
N ASP A 188 -11.55 -21.18 -11.93
CA ASP A 188 -12.95 -20.94 -12.28
C ASP A 188 -13.08 -21.78 -13.56
N HIS A 189 -13.40 -23.10 -13.39
CA HIS A 189 -13.50 -24.10 -14.46
C HIS A 189 -14.47 -23.73 -15.58
N GLU A 190 -15.63 -23.11 -15.26
CA GLU A 190 -16.64 -22.65 -16.23
C GLU A 190 -16.00 -21.68 -17.24
N HIS A 191 -15.14 -20.78 -16.74
CA HIS A 191 -14.45 -19.78 -17.56
C HIS A 191 -13.02 -20.20 -17.90
N ARG A 192 -12.61 -21.43 -17.49
CA ARG A 192 -11.27 -22.00 -17.70
C ARG A 192 -10.16 -21.00 -17.29
N LYS A 193 -10.40 -20.31 -16.16
CA LYS A 193 -9.56 -19.26 -15.60
C LYS A 193 -8.81 -19.80 -14.42
N LEU A 194 -7.49 -19.56 -14.35
CA LEU A 194 -6.64 -20.03 -13.27
C LEU A 194 -5.81 -18.87 -12.70
N ARG A 195 -5.67 -18.82 -11.35
CA ARG A 195 -4.86 -17.82 -10.64
C ARG A 195 -4.00 -18.50 -9.59
N LEU A 196 -2.72 -18.10 -9.54
CA LEU A 196 -1.80 -18.58 -8.48
C LEU A 196 -1.91 -17.56 -7.34
N ILE A 197 -2.33 -17.98 -6.15
CA ILE A 197 -2.60 -17.00 -5.05
C ILE A 197 -1.67 -17.19 -3.86
N ASP A 198 -1.86 -16.38 -2.80
CA ASP A 198 -1.07 -16.48 -1.54
C ASP A 198 0.43 -16.36 -1.82
N TRP A 199 0.92 -15.13 -1.94
CA TRP A 199 2.37 -14.90 -2.19
C TRP A 199 3.04 -14.46 -0.88
N GLY A 200 2.47 -14.84 0.27
CA GLY A 200 3.00 -14.43 1.59
C GLY A 200 4.28 -15.15 1.97
N LEU A 201 4.63 -16.24 1.27
CA LEU A 201 5.90 -16.96 1.53
C LEU A 201 6.87 -16.72 0.37
N ALA A 202 6.48 -15.88 -0.59
CA ALA A 202 7.34 -15.66 -1.78
C ALA A 202 8.58 -14.84 -1.43
N GLU A 203 9.66 -15.01 -2.19
CA GLU A 203 10.89 -14.27 -1.96
C GLU A 203 11.60 -13.94 -3.26
N PHE A 204 12.44 -12.90 -3.21
CA PHE A 204 13.27 -12.47 -4.33
C PHE A 204 14.49 -13.37 -4.42
N TYR A 205 14.75 -13.89 -5.61
CA TYR A 205 15.93 -14.72 -5.82
C TYR A 205 17.18 -13.85 -6.04
N HIS A 206 18.23 -14.10 -5.24
CA HIS A 206 19.54 -13.43 -5.34
C HIS A 206 20.59 -14.55 -5.33
N PRO A 207 21.39 -14.69 -6.41
CA PRO A 207 22.38 -15.79 -6.46
C PRO A 207 23.31 -15.82 -5.26
N GLY A 208 23.47 -17.03 -4.68
CA GLY A 208 24.31 -17.24 -3.51
C GLY A 208 23.64 -16.97 -2.18
N GLN A 209 22.40 -16.42 -2.18
CA GLN A 209 21.68 -16.11 -0.93
C GLN A 209 21.21 -17.39 -0.22
N GLU A 210 21.36 -17.40 1.12
CA GLU A 210 20.93 -18.52 1.93
C GLU A 210 19.56 -18.16 2.51
N TYR A 211 18.56 -18.95 2.15
CA TYR A 211 17.16 -18.70 2.56
C TYR A 211 16.72 -19.61 3.70
N ASN A 212 15.64 -19.22 4.40
CA ASN A 212 15.02 -20.02 5.45
C ASN A 212 14.35 -21.21 4.78
N VAL A 213 14.64 -22.44 5.26
CA VAL A 213 14.07 -23.66 4.69
C VAL A 213 12.64 -23.96 5.21
N ARG A 214 12.20 -23.19 6.21
CA ARG A 214 10.84 -23.41 6.80
C ARG A 214 9.80 -22.75 5.87
N VAL A 215 9.67 -23.26 4.65
CA VAL A 215 8.71 -22.69 3.66
C VAL A 215 7.95 -23.83 2.98
N ALA A 216 6.81 -23.52 2.37
CA ALA A 216 6.02 -24.54 1.63
C ALA A 216 5.26 -25.46 2.59
N SER A 217 4.19 -26.09 2.09
CA SER A 217 3.46 -27.08 2.93
C SER A 217 4.26 -28.39 2.95
N ARG A 218 4.19 -29.12 4.05
CA ARG A 218 5.01 -30.36 4.20
C ARG A 218 5.00 -31.21 2.93
N TYR A 219 3.82 -31.53 2.40
CA TYR A 219 3.74 -32.47 1.26
C TYR A 219 4.48 -31.93 0.03
N PHE A 220 4.65 -30.61 -0.08
CA PHE A 220 5.24 -30.03 -1.31
C PHE A 220 6.64 -29.49 -1.05
N LYS A 221 7.16 -29.70 0.16
CA LYS A 221 8.53 -29.26 0.50
C LYS A 221 9.53 -30.06 -0.35
N GLY A 222 10.47 -29.37 -0.99
CA GLY A 222 11.48 -30.06 -1.81
C GLY A 222 12.59 -30.62 -0.95
N PRO A 223 13.34 -31.66 -1.42
CA PRO A 223 14.37 -32.29 -0.56
C PRO A 223 15.40 -31.33 -0.01
N GLU A 224 15.68 -30.25 -0.75
CA GLU A 224 16.67 -29.24 -0.29
C GLU A 224 16.25 -28.68 1.08
N LEU A 225 14.96 -28.40 1.26
CA LEU A 225 14.47 -27.82 2.54
C LEU A 225 14.55 -28.88 3.65
N LEU A 226 14.22 -30.13 3.34
CA LEU A 226 14.18 -31.21 4.36
C LEU A 226 15.61 -31.56 4.83
N VAL A 227 16.60 -31.41 3.96
CA VAL A 227 18.01 -31.68 4.33
C VAL A 227 18.72 -30.40 4.84
N ASP A 228 17.96 -29.29 4.89
CA ASP A 228 18.39 -27.96 5.34
C ASP A 228 19.52 -27.34 4.45
N TYR A 229 19.33 -27.40 3.12
CA TYR A 229 20.25 -26.78 2.16
C TYR A 229 19.61 -25.42 1.83
N GLN A 230 20.19 -24.34 2.36
CA GLN A 230 19.65 -22.99 2.27
C GLN A 230 19.85 -22.27 0.91
N MET A 231 20.80 -22.72 0.07
CA MET A 231 21.07 -22.02 -1.20
C MET A 231 20.20 -22.55 -2.38
N TYR A 232 18.88 -22.58 -2.16
CA TYR A 232 17.93 -23.06 -3.15
C TYR A 232 17.45 -21.93 -4.08
N ASP A 233 16.66 -22.28 -5.10
CA ASP A 233 16.20 -21.30 -6.08
C ASP A 233 14.79 -21.58 -6.60
N TYR A 234 14.41 -21.00 -7.78
CA TYR A 234 13.12 -21.20 -8.45
C TYR A 234 12.77 -22.68 -8.62
N SER A 235 13.80 -23.54 -8.76
CA SER A 235 13.60 -24.99 -8.91
C SER A 235 12.80 -25.62 -7.75
N LEU A 236 12.76 -24.99 -6.54
CA LEU A 236 11.93 -25.46 -5.42
C LEU A 236 10.47 -25.54 -5.90
N ASP A 237 10.02 -24.49 -6.64
CA ASP A 237 8.67 -24.42 -7.21
C ASP A 237 8.37 -25.54 -8.20
N MET A 238 9.39 -25.99 -8.93
CA MET A 238 9.25 -27.06 -9.92
C MET A 238 9.05 -28.42 -9.24
N TRP A 239 9.68 -28.61 -8.04
CA TRP A 239 9.48 -29.81 -7.22
C TRP A 239 8.02 -29.85 -6.79
N SER A 240 7.53 -28.74 -6.15
CA SER A 240 6.15 -28.62 -5.67
C SER A 240 5.15 -28.90 -6.78
N LEU A 241 5.40 -28.35 -7.99
CA LEU A 241 4.54 -28.57 -9.16
C LEU A 241 4.49 -30.07 -9.53
N GLY A 242 5.63 -30.75 -9.46
CA GLY A 242 5.75 -32.18 -9.71
C GLY A 242 4.91 -32.98 -8.72
N CYS A 243 4.88 -32.55 -7.43
CA CYS A 243 4.06 -33.21 -6.40
C CYS A 243 2.58 -33.11 -6.77
N MET A 244 2.16 -31.91 -7.27
CA MET A 244 0.77 -31.68 -7.68
C MET A 244 0.40 -32.52 -8.88
N LEU A 245 1.30 -32.58 -9.89
CA LEU A 245 1.07 -33.37 -11.10
C LEU A 245 0.88 -34.86 -10.74
N ALA A 246 1.76 -35.41 -9.88
CA ALA A 246 1.72 -36.81 -9.43
C ALA A 246 0.39 -37.10 -8.74
N SER A 247 -0.06 -36.21 -7.83
CA SER A 247 -1.32 -36.41 -7.14
C SER A 247 -2.50 -36.40 -8.11
N MET A 248 -2.46 -35.53 -9.12
CA MET A 248 -3.52 -35.42 -10.11
C MET A 248 -3.61 -36.61 -11.04
N ILE A 249 -2.50 -36.98 -11.67
CA ILE A 249 -2.53 -38.09 -12.65
C ILE A 249 -2.73 -39.46 -11.97
N PHE A 250 -2.25 -39.63 -10.73
CA PHE A 250 -2.38 -40.92 -10.03
C PHE A 250 -3.58 -40.99 -9.08
N ARG A 251 -4.29 -39.85 -8.89
CA ARG A 251 -5.44 -39.70 -8.00
C ARG A 251 -5.09 -40.18 -6.58
N LYS A 252 -3.95 -39.68 -6.05
CA LYS A 252 -3.40 -39.98 -4.72
C LYS A 252 -3.00 -38.64 -4.09
N GLU A 253 -3.82 -38.14 -3.16
CA GLU A 253 -3.55 -36.82 -2.56
C GLU A 253 -3.31 -36.87 -1.05
N PRO A 254 -2.13 -36.42 -0.56
CA PRO A 254 -0.96 -35.95 -1.35
C PRO A 254 -0.19 -37.16 -1.87
N PHE A 255 0.82 -36.92 -2.74
CA PHE A 255 1.65 -38.00 -3.26
C PHE A 255 2.67 -38.41 -2.19
N PHE A 256 3.54 -37.48 -1.76
CA PHE A 256 4.47 -37.78 -0.67
C PHE A 256 3.80 -37.42 0.65
N HIS A 257 3.17 -38.42 1.27
CA HIS A 257 2.37 -38.29 2.48
C HIS A 257 3.16 -38.38 3.80
N GLY A 258 4.00 -37.37 4.06
CA GLY A 258 4.76 -37.31 5.31
C GLY A 258 3.87 -36.95 6.48
N HIS A 259 4.28 -37.32 7.71
CA HIS A 259 3.52 -36.99 8.93
C HIS A 259 4.23 -35.93 9.75
N ASP A 260 5.47 -35.61 9.34
CA ASP A 260 6.36 -34.57 9.86
C ASP A 260 7.47 -34.30 8.83
N ASN A 261 8.26 -33.22 9.01
CA ASN A 261 9.33 -32.83 8.06
C ASN A 261 10.39 -33.88 7.88
N TYR A 262 10.70 -34.62 8.97
CA TYR A 262 11.66 -35.71 8.94
C TYR A 262 11.10 -36.89 8.13
N ASP A 263 9.85 -37.29 8.42
CA ASP A 263 9.15 -38.37 7.73
C ASP A 263 8.91 -38.08 6.26
N GLN A 264 8.65 -36.81 5.92
CA GLN A 264 8.45 -36.36 4.54
C GLN A 264 9.60 -36.81 3.61
N LEU A 265 10.86 -36.65 4.08
CA LEU A 265 12.04 -37.06 3.30
C LEU A 265 12.05 -38.56 3.14
N VAL A 266 11.75 -39.27 4.27
CA VAL A 266 11.63 -40.74 4.24
C VAL A 266 10.63 -41.14 3.14
N ARG A 267 9.47 -40.43 3.02
CA ARG A 267 8.46 -40.74 1.97
C ARG A 267 8.99 -40.53 0.54
N ILE A 268 9.83 -39.49 0.35
CA ILE A 268 10.45 -39.18 -0.95
C ILE A 268 11.40 -40.33 -1.27
N ALA A 269 12.26 -40.70 -0.29
CA ALA A 269 13.21 -41.83 -0.39
C ALA A 269 12.52 -43.15 -0.75
N LYS A 270 11.31 -43.42 -0.20
CA LYS A 270 10.54 -44.63 -0.51
C LYS A 270 10.13 -44.77 -2.00
N VAL A 271 10.32 -43.71 -2.81
CA VAL A 271 9.97 -43.69 -4.23
C VAL A 271 11.25 -43.49 -5.09
N LEU A 272 12.10 -42.50 -4.72
CA LEU A 272 13.33 -42.19 -5.46
C LEU A 272 14.61 -42.90 -4.95
N GLY A 273 14.45 -43.83 -4.01
CA GLY A 273 15.58 -44.58 -3.44
C GLY A 273 16.49 -43.75 -2.54
N THR A 274 17.28 -44.44 -1.69
CA THR A 274 18.23 -43.82 -0.74
C THR A 274 19.64 -43.60 -1.33
N GLU A 275 19.91 -44.18 -2.53
CA GLU A 275 21.20 -44.03 -3.21
C GLU A 275 21.36 -42.59 -3.70
N ASP A 276 20.39 -42.08 -4.48
CA ASP A 276 20.41 -40.70 -5.00
C ASP A 276 20.36 -39.63 -3.89
N LEU A 277 19.75 -39.95 -2.71
CA LEU A 277 19.71 -38.99 -1.59
C LEU A 277 21.13 -38.76 -1.08
N TYR A 278 21.92 -39.85 -0.95
CA TYR A 278 23.30 -39.74 -0.52
C TYR A 278 24.16 -39.11 -1.62
N ASP A 279 23.91 -39.45 -2.92
CA ASP A 279 24.61 -38.84 -4.06
C ASP A 279 24.38 -37.30 -4.05
N TYR A 280 23.10 -36.87 -3.82
CA TYR A 280 22.67 -35.47 -3.74
C TYR A 280 23.33 -34.75 -2.55
N ILE A 281 23.28 -35.34 -1.34
CA ILE A 281 23.88 -34.72 -0.14
C ILE A 281 25.42 -34.67 -0.26
N ASP A 282 26.05 -35.62 -1.01
CA ASP A 282 27.48 -35.64 -1.25
C ASP A 282 27.87 -34.59 -2.28
N LYS A 283 27.08 -34.45 -3.37
CA LYS A 283 27.32 -33.43 -4.40
C LYS A 283 27.34 -32.03 -3.78
N TYR A 284 26.49 -31.77 -2.77
CA TYR A 284 26.41 -30.44 -2.17
C TYR A 284 27.04 -30.36 -0.79
N ASN A 285 27.77 -31.43 -0.36
CA ASN A 285 28.45 -31.52 0.95
C ASN A 285 27.49 -31.15 2.13
N ILE A 286 26.28 -31.75 2.11
CA ILE A 286 25.21 -31.55 3.08
C ILE A 286 25.37 -32.52 4.26
N GLU A 287 25.27 -31.99 5.49
CA GLU A 287 25.29 -32.75 6.74
C GLU A 287 23.85 -33.12 7.10
N LEU A 288 23.51 -34.43 7.10
CA LEU A 288 22.18 -34.89 7.46
C LEU A 288 21.98 -34.79 8.97
N ASP A 289 20.84 -34.24 9.39
CA ASP A 289 20.48 -34.12 10.79
C ASP A 289 20.49 -35.53 11.46
N PRO A 290 20.99 -35.66 12.73
CA PRO A 290 20.99 -36.97 13.40
C PRO A 290 19.60 -37.60 13.60
N ARG A 291 18.52 -36.80 13.46
CA ARG A 291 17.15 -37.29 13.58
C ARG A 291 16.80 -38.27 12.45
N PHE A 292 17.54 -38.19 11.33
CA PHE A 292 17.34 -39.09 10.19
C PHE A 292 17.96 -40.48 10.39
N ASN A 293 18.89 -40.61 11.36
CA ASN A 293 19.65 -41.84 11.61
C ASN A 293 18.81 -43.12 11.75
N ASP A 294 17.76 -43.12 12.58
CA ASP A 294 16.96 -44.32 12.79
C ASP A 294 15.70 -44.44 11.92
N ILE A 295 15.36 -43.39 11.15
CA ILE A 295 14.11 -43.41 10.35
C ILE A 295 14.32 -43.55 8.83
N LEU A 296 15.50 -43.13 8.32
CA LEU A 296 15.81 -43.11 6.88
C LEU A 296 15.74 -44.47 6.20
N GLY A 297 16.46 -45.44 6.75
CA GLY A 297 16.52 -46.80 6.21
C GLY A 297 17.24 -46.93 4.87
N ARG A 298 16.84 -47.94 4.08
CA ARG A 298 17.40 -48.31 2.78
C ARG A 298 16.25 -48.59 1.83
N HIS A 299 16.18 -47.86 0.69
CA HIS A 299 15.08 -48.01 -0.28
C HIS A 299 15.57 -48.03 -1.73
N SER A 300 14.76 -48.61 -2.66
CA SER A 300 15.06 -48.72 -4.10
C SER A 300 14.26 -47.73 -4.95
N ARG A 301 14.79 -47.38 -6.14
CA ARG A 301 14.14 -46.45 -7.07
C ARG A 301 12.99 -47.16 -7.80
N LYS A 302 11.76 -46.66 -7.61
CA LYS A 302 10.56 -47.26 -8.21
C LYS A 302 10.26 -46.74 -9.60
N ARG A 303 9.66 -47.60 -10.43
CA ARG A 303 9.22 -47.22 -11.77
C ARG A 303 7.90 -46.45 -11.58
N TRP A 304 7.75 -45.29 -12.26
CA TRP A 304 6.52 -44.49 -12.16
C TRP A 304 5.27 -45.28 -12.57
N GLU A 305 5.42 -46.29 -13.47
CA GLU A 305 4.33 -47.16 -13.94
C GLU A 305 3.67 -47.97 -12.81
N ARG A 306 4.38 -48.20 -11.70
CA ARG A 306 3.87 -48.92 -10.53
C ARG A 306 2.67 -48.21 -9.87
N PHE A 307 2.53 -46.88 -10.09
CA PHE A 307 1.44 -46.08 -9.53
C PHE A 307 0.19 -46.06 -10.41
N VAL A 308 0.26 -46.70 -11.59
CA VAL A 308 -0.89 -46.77 -12.50
C VAL A 308 -1.86 -47.86 -12.00
N HIS A 309 -3.15 -47.54 -11.96
CA HIS A 309 -4.21 -48.45 -11.53
C HIS A 309 -5.44 -48.19 -12.39
N SER A 310 -6.49 -49.02 -12.23
CA SER A 310 -7.74 -48.88 -12.99
C SER A 310 -8.41 -47.51 -12.81
N GLU A 311 -8.35 -46.95 -11.59
CA GLU A 311 -8.99 -45.66 -11.30
C GLU A 311 -8.26 -44.44 -11.88
N ASN A 312 -6.98 -44.56 -12.27
CA ASN A 312 -6.24 -43.40 -12.78
C ASN A 312 -5.66 -43.54 -14.21
N GLN A 313 -5.73 -44.76 -14.82
CA GLN A 313 -5.15 -45.05 -16.13
C GLN A 313 -5.60 -44.09 -17.25
N HIS A 314 -6.83 -43.55 -17.15
CA HIS A 314 -7.35 -42.59 -18.11
C HIS A 314 -6.65 -41.20 -18.04
N LEU A 315 -5.79 -40.97 -17.01
CA LEU A 315 -5.06 -39.71 -16.80
C LEU A 315 -3.56 -39.86 -17.05
N VAL A 316 -3.10 -41.12 -17.18
CA VAL A 316 -1.69 -41.45 -17.35
C VAL A 316 -1.38 -41.75 -18.83
N SER A 317 -0.15 -41.41 -19.23
CA SER A 317 0.40 -41.61 -20.56
C SER A 317 1.93 -41.66 -20.44
N PRO A 318 2.66 -42.27 -21.42
CA PRO A 318 4.13 -42.25 -21.33
C PRO A 318 4.70 -40.83 -21.24
N GLU A 319 4.05 -39.84 -21.93
CA GLU A 319 4.45 -38.41 -21.91
C GLU A 319 4.35 -37.86 -20.48
N ALA A 320 3.20 -38.09 -19.80
CA ALA A 320 2.95 -37.64 -18.42
C ALA A 320 4.00 -38.18 -17.45
N LEU A 321 4.35 -39.48 -17.61
CA LEU A 321 5.35 -40.14 -16.77
C LEU A 321 6.76 -39.63 -17.00
N ASP A 322 7.14 -39.39 -18.26
CA ASP A 322 8.46 -38.84 -18.62
C ASP A 322 8.59 -37.41 -18.06
N PHE A 323 7.50 -36.62 -18.15
CA PHE A 323 7.47 -35.24 -17.64
C PHE A 323 7.62 -35.22 -16.12
N LEU A 324 6.84 -36.06 -15.40
CA LEU A 324 6.91 -36.18 -13.94
C LEU A 324 8.32 -36.55 -13.46
N ASP A 325 8.93 -37.54 -14.16
CA ASP A 325 10.27 -38.04 -13.88
C ASP A 325 11.31 -36.92 -13.96
N LYS A 326 11.10 -35.95 -14.84
CA LYS A 326 12.00 -34.82 -15.04
C LYS A 326 11.78 -33.65 -14.05
N LEU A 327 10.70 -33.68 -13.24
CA LEU A 327 10.40 -32.67 -12.21
C LEU A 327 10.80 -33.21 -10.84
N LEU A 328 10.39 -34.46 -10.55
CA LEU A 328 10.64 -35.06 -9.25
C LEU A 328 11.99 -35.72 -9.18
N ARG A 329 13.02 -34.87 -9.02
CA ARG A 329 14.43 -35.24 -8.90
C ARG A 329 14.99 -34.59 -7.65
N TYR A 330 15.83 -35.33 -6.90
CA TYR A 330 16.47 -34.84 -5.66
C TYR A 330 17.29 -33.59 -5.96
N ASP A 331 18.10 -33.65 -7.04
CA ASP A 331 18.97 -32.56 -7.45
C ASP A 331 18.15 -31.44 -8.07
N HIS A 332 18.04 -30.31 -7.34
CA HIS A 332 17.28 -29.13 -7.76
C HIS A 332 17.76 -28.58 -9.10
N GLN A 333 19.08 -28.67 -9.38
CA GLN A 333 19.67 -28.24 -10.65
C GLN A 333 19.23 -29.12 -11.85
N SER A 334 18.96 -30.41 -11.61
N SER A 334 18.97 -30.41 -11.62
CA SER A 334 18.58 -31.38 -12.65
CA SER A 334 18.58 -31.36 -12.67
C SER A 334 17.11 -31.31 -13.08
C SER A 334 17.12 -31.24 -13.12
N ARG A 335 16.26 -30.63 -12.28
CA ARG A 335 14.82 -30.47 -12.59
C ARG A 335 14.60 -29.56 -13.79
N LEU A 336 13.55 -29.83 -14.58
CA LEU A 336 13.19 -28.95 -15.69
C LEU A 336 12.85 -27.56 -15.13
N THR A 337 13.21 -26.50 -15.87
CA THR A 337 12.86 -25.13 -15.50
C THR A 337 11.42 -25.00 -15.99
N ALA A 338 10.68 -23.95 -15.58
CA ALA A 338 9.30 -23.75 -16.07
C ALA A 338 9.27 -23.60 -17.60
N ARG A 339 10.27 -22.90 -18.18
CA ARG A 339 10.38 -22.71 -19.63
C ARG A 339 10.65 -24.03 -20.36
N GLU A 340 11.52 -24.89 -19.79
CA GLU A 340 11.80 -26.21 -20.35
C GLU A 340 10.58 -27.09 -20.25
N ALA A 341 9.87 -27.04 -19.11
CA ALA A 341 8.65 -27.81 -18.88
C ALA A 341 7.58 -27.49 -19.93
N MET A 342 7.44 -26.21 -20.32
CA MET A 342 6.46 -25.77 -21.33
C MET A 342 6.69 -26.38 -22.73
N GLU A 343 7.95 -26.78 -23.02
CA GLU A 343 8.36 -27.40 -24.30
C GLU A 343 8.21 -28.93 -24.30
N HIS A 344 7.81 -29.53 -23.16
CA HIS A 344 7.67 -30.98 -23.05
C HIS A 344 6.55 -31.55 -23.91
N PRO A 345 6.77 -32.74 -24.56
CA PRO A 345 5.68 -33.36 -25.38
C PRO A 345 4.33 -33.52 -24.69
N TYR A 346 4.31 -33.57 -23.33
CA TYR A 346 3.08 -33.65 -22.54
C TYR A 346 2.11 -32.50 -22.88
N PHE A 347 2.65 -31.33 -23.29
CA PHE A 347 1.85 -30.16 -23.64
C PHE A 347 1.63 -29.94 -25.15
N TYR A 348 1.99 -30.92 -26.00
CA TYR A 348 1.79 -30.76 -27.46
C TYR A 348 0.32 -30.52 -27.83
N THR A 349 -0.62 -31.15 -27.09
CA THR A 349 -2.07 -31.02 -27.31
C THR A 349 -2.67 -29.71 -26.78
N VAL A 350 -1.87 -28.86 -26.09
CA VAL A 350 -2.39 -27.59 -25.58
C VAL A 350 -1.88 -26.43 -26.43
N SER B 25 -32.66 34.68 13.21
CA SER B 25 -32.42 33.94 14.45
C SER B 25 -31.06 33.20 14.45
N GLY B 26 -30.00 33.95 14.12
CA GLY B 26 -28.64 33.42 14.04
C GLY B 26 -28.27 33.00 12.63
N PRO B 27 -27.09 32.38 12.41
CA PRO B 27 -26.72 31.98 11.04
C PRO B 27 -27.40 30.70 10.56
N VAL B 28 -27.55 30.57 9.24
CA VAL B 28 -28.14 29.42 8.58
C VAL B 28 -27.13 28.24 8.75
N PRO B 29 -27.57 27.02 9.16
CA PRO B 29 -26.61 25.91 9.28
C PRO B 29 -26.10 25.40 7.92
N SER B 30 -24.98 24.68 7.94
CA SER B 30 -24.34 24.13 6.74
C SER B 30 -23.72 22.80 7.09
N ARG B 31 -23.54 21.95 6.11
CA ARG B 31 -22.83 20.69 6.26
C ARG B 31 -22.02 20.36 5.00
N ALA B 32 -20.98 19.53 5.15
CA ALA B 32 -20.15 19.06 4.03
C ALA B 32 -21.03 18.32 3.02
N ARG B 33 -20.74 18.51 1.72
CA ARG B 33 -21.42 17.80 0.64
C ARG B 33 -20.93 16.35 0.50
N VAL B 34 -19.71 16.06 1.03
CA VAL B 34 -19.05 14.75 0.96
C VAL B 34 -18.64 14.33 2.36
N TYR B 35 -18.56 13.00 2.64
CA TYR B 35 -18.10 12.44 3.92
C TYR B 35 -18.78 13.08 5.13
N THR B 36 -20.05 13.45 4.94
CA THR B 36 -20.81 14.18 5.93
C THR B 36 -20.94 13.48 7.25
N ASP B 37 -21.33 12.18 7.22
CA ASP B 37 -21.59 11.38 8.42
C ASP B 37 -20.55 10.30 8.73
N VAL B 38 -19.32 10.44 8.20
CA VAL B 38 -18.30 9.41 8.38
C VAL B 38 -17.95 9.19 9.84
N ASN B 39 -17.90 10.25 10.68
CA ASN B 39 -17.59 10.11 12.10
C ASN B 39 -18.83 9.70 12.91
N THR B 40 -20.02 10.16 12.47
CA THR B 40 -21.28 9.84 13.19
C THR B 40 -21.51 8.31 13.24
N HIS B 41 -21.20 7.62 12.13
CA HIS B 41 -21.43 6.15 12.05
C HIS B 41 -20.21 5.38 12.59
N ARG B 42 -19.22 6.11 13.11
N ARG B 42 -19.22 6.11 13.11
CA ARG B 42 -18.01 5.46 13.68
CA ARG B 42 -18.00 5.46 13.68
C ARG B 42 -18.13 5.39 15.20
C ARG B 42 -18.13 5.38 15.21
N PRO B 43 -17.42 4.44 15.86
CA PRO B 43 -17.45 4.37 17.33
C PRO B 43 -16.73 5.59 17.92
N SER B 44 -17.12 5.99 19.14
CA SER B 44 -16.51 7.19 19.78
C SER B 44 -14.99 7.05 19.84
N GLU B 45 -14.49 5.83 20.04
CA GLU B 45 -13.02 5.62 20.20
C GLU B 45 -12.28 6.29 19.05
N TYR B 46 -12.84 6.26 17.84
CA TYR B 46 -12.15 6.81 16.65
C TYR B 46 -11.98 8.33 16.76
N TRP B 47 -12.99 9.05 17.28
CA TRP B 47 -12.91 10.54 17.27
C TRP B 47 -12.87 11.14 18.69
N ASP B 48 -13.08 10.33 19.73
CA ASP B 48 -12.98 10.84 21.13
C ASP B 48 -11.52 10.87 21.55
N TYR B 49 -10.76 11.88 21.08
CA TYR B 49 -9.30 11.92 21.37
C TYR B 49 -9.03 12.20 22.86
N GLU B 50 -9.94 12.92 23.53
CA GLU B 50 -9.75 13.21 24.96
C GLU B 50 -9.58 11.92 25.78
N SER B 51 -10.30 10.84 25.38
CA SER B 51 -10.27 9.53 26.04
C SER B 51 -9.16 8.62 25.52
N HIS B 52 -8.47 9.01 24.44
CA HIS B 52 -7.37 8.22 23.89
C HIS B 52 -6.19 8.14 24.87
N VAL B 53 -5.68 6.94 25.10
CA VAL B 53 -4.56 6.70 26.00
C VAL B 53 -3.27 6.71 25.18
N VAL B 54 -2.42 7.69 25.46
CA VAL B 54 -1.16 7.81 24.76
C VAL B 54 -0.07 7.11 25.57
N GLU B 55 0.69 6.24 24.92
CA GLU B 55 1.81 5.56 25.52
C GLU B 55 3.12 6.02 24.84
N TRP B 56 4.00 6.58 25.68
CA TRP B 56 5.28 7.22 25.34
C TRP B 56 6.46 6.26 25.53
N GLY B 57 7.18 5.96 24.44
CA GLY B 57 8.39 5.15 24.45
C GLY B 57 9.59 5.94 25.00
N ASN B 58 10.77 5.33 24.95
CA ASN B 58 11.98 5.98 25.47
C ASN B 58 12.72 6.74 24.33
N GLN B 59 12.92 8.06 24.50
CA GLN B 59 13.63 8.85 23.48
C GLN B 59 15.15 8.51 23.34
N ASP B 60 15.73 7.70 24.26
CA ASP B 60 17.15 7.28 24.19
C ASP B 60 17.49 6.55 22.89
N ASP B 61 16.48 5.98 22.19
CA ASP B 61 16.68 5.28 20.93
C ASP B 61 16.95 6.26 19.79
N TYR B 62 16.79 7.57 20.05
CA TYR B 62 16.96 8.61 19.04
C TYR B 62 18.01 9.63 19.44
N GLN B 63 18.95 9.91 18.52
CA GLN B 63 19.98 10.92 18.75
C GLN B 63 19.67 12.13 17.87
N LEU B 64 19.47 13.30 18.48
CA LEU B 64 19.20 14.54 17.73
C LEU B 64 20.47 14.98 16.95
N VAL B 65 20.31 15.36 15.69
CA VAL B 65 21.41 15.76 14.78
C VAL B 65 21.48 17.28 14.63
N ARG B 66 20.39 17.91 14.15
CA ARG B 66 20.30 19.35 13.89
C ARG B 66 18.86 19.83 13.95
N LYS B 67 18.66 21.13 14.28
CA LYS B 67 17.35 21.76 14.32
C LYS B 67 16.95 22.08 12.88
N LEU B 68 15.71 21.76 12.51
CA LEU B 68 15.16 22.01 11.19
C LEU B 68 14.31 23.27 11.17
N GLY B 69 13.51 23.46 12.21
CA GLY B 69 12.63 24.61 12.34
C GLY B 69 12.09 24.82 13.74
N ARG B 70 11.36 25.92 13.92
CA ARG B 70 10.76 26.28 15.20
C ARG B 70 9.39 26.90 14.97
N GLY B 71 8.39 26.31 15.63
CA GLY B 71 7.01 26.77 15.57
C GLY B 71 6.64 27.57 16.80
N LYS B 72 5.32 27.79 17.01
CA LYS B 72 4.79 28.54 18.17
C LYS B 72 5.02 27.77 19.47
N TYR B 73 4.68 26.46 19.47
CA TYR B 73 4.84 25.59 20.63
C TYR B 73 5.54 24.26 20.27
N SER B 74 6.50 24.31 19.31
CA SER B 74 7.24 23.12 18.88
C SER B 74 8.62 23.45 18.32
N GLU B 75 9.50 22.47 18.40
CA GLU B 75 10.87 22.53 17.88
C GLU B 75 11.07 21.23 17.12
N VAL B 76 11.46 21.34 15.85
CA VAL B 76 11.63 20.20 14.95
C VAL B 76 13.12 19.95 14.70
N PHE B 77 13.53 18.67 14.83
CA PHE B 77 14.91 18.24 14.67
C PHE B 77 15.01 17.06 13.71
N GLU B 78 16.14 16.97 13.03
CA GLU B 78 16.51 15.82 12.23
C GLU B 78 17.24 14.92 13.25
N ALA B 79 16.96 13.61 13.22
CA ALA B 79 17.52 12.68 14.17
C ALA B 79 17.87 11.35 13.56
N ILE B 80 18.58 10.53 14.32
CA ILE B 80 18.99 9.19 13.96
C ILE B 80 18.42 8.24 14.98
N ASN B 81 17.80 7.17 14.51
CA ASN B 81 17.28 6.08 15.32
C ASN B 81 18.54 5.18 15.47
N ILE B 82 19.10 5.13 16.69
CA ILE B 82 20.38 4.43 16.93
C ILE B 82 20.25 2.87 16.86
N THR B 83 19.02 2.33 16.82
CA THR B 83 18.79 0.89 16.73
C THR B 83 18.85 0.35 15.28
N ASN B 84 18.62 1.23 14.28
CA ASN B 84 18.65 0.82 12.88
C ASN B 84 19.46 1.78 11.98
N ASN B 85 20.03 2.86 12.55
CA ASN B 85 20.84 3.85 11.81
C ASN B 85 20.05 4.59 10.72
N GLU B 86 18.73 4.77 10.92
CA GLU B 86 17.86 5.45 9.98
C GLU B 86 17.54 6.85 10.45
N LYS B 87 17.53 7.81 9.52
CA LYS B 87 17.20 9.18 9.85
C LYS B 87 15.67 9.27 10.05
N VAL B 88 15.26 10.10 11.00
CA VAL B 88 13.87 10.40 11.39
C VAL B 88 13.75 11.90 11.65
N VAL B 89 12.51 12.39 11.82
CA VAL B 89 12.26 13.77 12.20
C VAL B 89 11.61 13.72 13.58
N VAL B 90 12.14 14.50 14.53
CA VAL B 90 11.57 14.51 15.91
C VAL B 90 10.97 15.90 16.18
N LYS B 91 9.69 15.93 16.53
CA LYS B 91 9.00 17.21 16.84
C LYS B 91 8.85 17.29 18.36
N ILE B 92 9.62 18.18 18.98
CA ILE B 92 9.53 18.36 20.47
C ILE B 92 8.41 19.36 20.75
N LEU B 93 7.37 18.91 21.46
CA LEU B 93 6.21 19.73 21.72
C LEU B 93 6.28 20.49 23.05
N LYS B 94 5.98 21.78 23.02
CA LYS B 94 5.89 22.59 24.25
C LYS B 94 4.56 22.15 24.89
N PRO B 95 4.57 21.49 26.09
CA PRO B 95 3.29 21.02 26.66
C PRO B 95 2.40 22.17 27.21
N VAL B 96 1.81 22.90 26.26
CA VAL B 96 0.97 24.06 26.45
C VAL B 96 -0.51 23.69 26.64
N LYS B 97 -1.01 22.71 25.86
CA LYS B 97 -2.41 22.25 25.92
C LYS B 97 -2.47 20.75 25.62
N LYS B 98 -2.57 19.93 26.68
CA LYS B 98 -2.55 18.46 26.64
C LYS B 98 -3.64 17.84 25.74
N LYS B 99 -4.82 18.49 25.68
CA LYS B 99 -5.95 18.08 24.87
C LYS B 99 -5.58 18.15 23.37
N LYS B 100 -4.88 19.22 22.96
CA LYS B 100 -4.42 19.45 21.58
C LYS B 100 -3.35 18.43 21.18
N ILE B 101 -2.46 18.01 22.13
CA ILE B 101 -1.43 16.96 21.90
C ILE B 101 -2.16 15.63 21.62
N LYS B 102 -3.15 15.29 22.45
CA LYS B 102 -3.99 14.08 22.27
C LYS B 102 -4.71 14.10 20.95
N ARG B 103 -5.23 15.27 20.55
CA ARG B 103 -5.93 15.38 19.25
C ARG B 103 -4.96 15.07 18.10
N GLU B 104 -3.78 15.70 18.08
CA GLU B 104 -2.83 15.51 16.95
C GLU B 104 -2.41 14.04 16.87
N ILE B 105 -2.11 13.43 18.02
CA ILE B 105 -1.64 12.01 18.03
C ILE B 105 -2.77 11.12 17.50
N LYS B 106 -3.99 11.32 17.99
CA LYS B 106 -5.12 10.49 17.58
C LYS B 106 -5.34 10.62 16.10
N ILE B 107 -5.25 11.84 15.56
CA ILE B 107 -5.42 12.04 14.13
C ILE B 107 -4.30 11.36 13.33
N LEU B 108 -3.05 11.52 13.79
CA LEU B 108 -1.89 10.93 13.13
C LEU B 108 -1.98 9.40 13.10
N GLU B 109 -2.43 8.80 14.20
CA GLU B 109 -2.61 7.34 14.28
C GLU B 109 -3.74 6.89 13.38
N ASN B 110 -4.85 7.66 13.31
CA ASN B 110 -5.96 7.32 12.42
C ASN B 110 -5.55 7.34 10.94
N LEU B 111 -4.73 8.33 10.55
CA LEU B 111 -4.34 8.55 9.17
C LEU B 111 -3.09 7.79 8.74
N ARG B 112 -2.35 7.27 9.73
CA ARG B 112 -1.07 6.57 9.53
C ARG B 112 -1.15 5.57 8.36
N GLY B 113 -0.31 5.78 7.36
CA GLY B 113 -0.22 4.94 6.18
C GLY B 113 -0.99 5.43 4.99
N GLY B 114 -1.83 6.46 5.18
CA GLY B 114 -2.59 7.03 4.08
C GLY B 114 -1.71 7.70 3.02
N PRO B 115 -2.21 7.84 1.77
CA PRO B 115 -1.37 8.41 0.71
C PRO B 115 -0.93 9.82 0.99
N ASN B 116 0.41 10.04 0.99
CA ASN B 116 1.05 11.35 1.17
C ASN B 116 0.80 11.99 2.53
N ILE B 117 0.43 11.18 3.53
CA ILE B 117 0.25 11.66 4.88
C ILE B 117 1.57 11.35 5.58
N ILE B 118 2.10 12.33 6.34
CA ILE B 118 3.31 12.10 7.14
C ILE B 118 3.05 10.91 8.12
N THR B 119 4.00 9.97 8.18
CA THR B 119 3.90 8.80 9.04
C THR B 119 4.42 9.09 10.41
N LEU B 120 3.58 8.92 11.43
CA LEU B 120 4.01 9.02 12.81
C LEU B 120 4.65 7.65 13.13
N ALA B 121 5.98 7.60 13.16
CA ALA B 121 6.74 6.36 13.39
C ALA B 121 6.76 5.94 14.86
N ASP B 122 6.75 6.91 15.79
CA ASP B 122 6.87 6.65 17.23
C ASP B 122 6.42 7.85 18.02
N ILE B 123 6.21 7.65 19.33
CA ILE B 123 5.81 8.67 20.31
C ILE B 123 6.73 8.41 21.50
N VAL B 124 7.54 9.41 21.87
CA VAL B 124 8.56 9.24 22.94
C VAL B 124 8.60 10.43 23.90
N LYS B 125 9.25 10.26 25.04
CA LYS B 125 9.50 11.31 26.02
C LYS B 125 10.94 11.12 26.43
N ASP B 126 11.70 12.20 26.59
CA ASP B 126 13.07 11.97 27.03
C ASP B 126 13.05 11.76 28.55
N PRO B 127 13.80 10.76 29.04
CA PRO B 127 13.79 10.44 30.49
C PRO B 127 13.89 11.60 31.47
N VAL B 128 14.79 12.60 31.24
CA VAL B 128 14.96 13.69 32.22
C VAL B 128 13.87 14.82 32.11
N SER B 129 13.76 15.54 30.98
CA SER B 129 12.79 16.66 30.92
C SER B 129 11.31 16.22 30.75
N ARG B 130 11.08 14.94 30.34
CA ARG B 130 9.74 14.36 30.18
C ARG B 130 8.87 15.11 29.15
N THR B 131 9.53 15.81 28.22
CA THR B 131 8.86 16.59 27.17
C THR B 131 8.30 15.65 26.12
N PRO B 132 7.01 15.83 25.75
CA PRO B 132 6.42 14.98 24.71
C PRO B 132 7.13 15.22 23.38
N ALA B 133 7.41 14.15 22.64
CA ALA B 133 8.05 14.24 21.33
C ALA B 133 7.42 13.24 20.35
N LEU B 134 7.12 13.71 19.15
CA LEU B 134 6.58 12.89 18.08
C LEU B 134 7.71 12.56 17.12
N VAL B 135 7.79 11.31 16.70
CA VAL B 135 8.82 10.84 15.76
C VAL B 135 8.18 10.53 14.44
N PHE B 136 8.64 11.19 13.36
CA PHE B 136 8.10 11.00 12.02
C PHE B 136 9.12 10.41 11.07
N GLU B 137 8.61 9.83 9.96
CA GLU B 137 9.43 9.40 8.83
C GLU B 137 10.17 10.67 8.32
N HIS B 138 11.39 10.45 7.84
CA HIS B 138 12.22 11.54 7.33
C HIS B 138 11.83 11.89 5.92
N VAL B 139 11.70 13.19 5.63
CA VAL B 139 11.47 13.68 4.29
C VAL B 139 12.62 14.66 3.95
N ASN B 140 13.36 14.38 2.86
CA ASN B 140 14.48 15.22 2.42
C ASN B 140 13.92 16.36 1.58
N ASN B 141 13.41 17.38 2.26
CA ASN B 141 12.76 18.55 1.70
C ASN B 141 13.66 19.44 0.86
N THR B 142 13.28 19.63 -0.41
CA THR B 142 13.92 20.50 -1.39
C THR B 142 13.64 21.95 -0.94
N ASP B 143 14.63 22.86 -1.09
CA ASP B 143 14.49 24.26 -0.71
C ASP B 143 13.32 24.83 -1.48
N PHE B 144 12.33 25.40 -0.74
CA PHE B 144 11.10 25.96 -1.32
C PHE B 144 11.39 26.94 -2.44
N LYS B 145 12.33 27.89 -2.23
CA LYS B 145 12.73 28.91 -3.22
C LYS B 145 13.30 28.28 -4.49
N GLN B 146 14.16 27.26 -4.36
CA GLN B 146 14.75 26.55 -5.50
C GLN B 146 13.70 25.73 -6.25
N LEU B 147 12.71 25.16 -5.51
CA LEU B 147 11.59 24.37 -6.03
C LEU B 147 10.67 25.28 -6.85
N TYR B 148 10.15 26.36 -6.20
CA TYR B 148 9.31 27.43 -6.77
C TYR B 148 9.90 28.00 -8.07
N GLN B 149 11.24 28.11 -8.15
CA GLN B 149 11.97 28.64 -9.30
C GLN B 149 12.03 27.67 -10.50
N THR B 150 12.22 26.37 -10.23
CA THR B 150 12.42 25.35 -11.27
C THR B 150 11.16 24.56 -11.66
N LEU B 151 10.00 24.79 -11.00
CA LEU B 151 8.82 24.00 -11.31
C LEU B 151 8.17 24.37 -12.62
N THR B 152 7.86 23.34 -13.43
CA THR B 152 7.24 23.47 -14.75
C THR B 152 5.72 23.37 -14.57
N ASP B 153 4.95 23.57 -15.64
CA ASP B 153 3.49 23.41 -15.62
C ASP B 153 3.13 21.96 -15.20
N TYR B 154 3.87 20.95 -15.73
CA TYR B 154 3.66 19.54 -15.40
C TYR B 154 3.89 19.28 -13.91
N ASP B 155 5.04 19.74 -13.36
CA ASP B 155 5.38 19.57 -11.94
C ASP B 155 4.24 20.09 -11.02
N ILE B 156 3.67 21.27 -11.34
CA ILE B 156 2.58 21.88 -10.55
C ILE B 156 1.38 20.97 -10.56
N ARG B 157 0.96 20.47 -11.75
CA ARG B 157 -0.17 19.56 -11.91
C ARG B 157 0.08 18.26 -11.12
N PHE B 158 1.32 17.72 -11.23
CA PHE B 158 1.73 16.49 -10.53
C PHE B 158 1.55 16.63 -9.01
N TYR B 159 2.24 17.64 -8.42
CA TYR B 159 2.23 17.87 -6.98
C TYR B 159 0.86 18.27 -6.46
N MET B 160 0.08 19.07 -7.23
CA MET B 160 -1.32 19.43 -6.83
C MET B 160 -2.15 18.13 -6.68
N TYR B 161 -2.01 17.19 -7.63
CA TYR B 161 -2.69 15.91 -7.58
C TYR B 161 -2.27 15.09 -6.35
N GLU B 162 -0.96 15.10 -6.01
CA GLU B 162 -0.46 14.41 -4.82
C GLU B 162 -1.10 14.96 -3.54
N ILE B 163 -1.24 16.29 -3.48
CA ILE B 163 -1.90 16.95 -2.33
C ILE B 163 -3.38 16.53 -2.27
N LEU B 164 -4.05 16.47 -3.43
CA LEU B 164 -5.45 16.07 -3.47
C LEU B 164 -5.67 14.65 -2.96
N LYS B 165 -4.71 13.75 -3.22
CA LYS B 165 -4.78 12.36 -2.73
C LYS B 165 -4.79 12.37 -1.19
N ALA B 166 -3.91 13.19 -0.58
CA ALA B 166 -3.82 13.32 0.88
C ALA B 166 -5.09 13.91 1.43
N LEU B 167 -5.65 14.94 0.75
CA LEU B 167 -6.85 15.63 1.21
C LEU B 167 -8.10 14.74 1.08
N ASP B 168 -8.29 14.11 -0.08
CA ASP B 168 -9.46 13.22 -0.25
C ASP B 168 -9.38 12.10 0.78
N TYR B 169 -8.15 11.57 1.03
CA TYR B 169 -8.01 10.55 2.06
C TYR B 169 -8.36 11.06 3.47
N CYS B 170 -7.80 12.19 3.94
CA CYS B 170 -8.13 12.60 5.30
C CYS B 170 -9.60 13.04 5.47
N HIS B 171 -10.18 13.70 4.44
CA HIS B 171 -11.60 14.08 4.45
C HIS B 171 -12.46 12.80 4.53
N SER B 172 -12.08 11.74 3.77
CA SER B 172 -12.80 10.42 3.85
C SER B 172 -12.68 9.80 5.23
N MET B 173 -11.61 10.15 5.94
CA MET B 173 -11.38 9.67 7.30
C MET B 173 -12.00 10.63 8.33
N GLY B 174 -12.83 11.53 7.85
CA GLY B 174 -13.56 12.48 8.72
C GLY B 174 -12.68 13.53 9.35
N ILE B 175 -11.57 13.89 8.69
CA ILE B 175 -10.63 14.85 9.25
C ILE B 175 -10.37 16.04 8.32
N MET B 176 -10.35 17.24 8.92
CA MET B 176 -9.99 18.46 8.14
C MET B 176 -8.63 18.94 8.66
N HIS B 177 -7.68 19.21 7.77
CA HIS B 177 -6.31 19.64 8.18
C HIS B 177 -6.37 21.03 8.81
N ARG B 178 -7.02 21.99 8.14
CA ARG B 178 -7.22 23.35 8.70
C ARG B 178 -5.90 24.16 8.75
N ASP B 179 -4.84 23.66 8.13
CA ASP B 179 -3.57 24.45 8.07
C ASP B 179 -2.86 24.16 6.75
N VAL B 180 -3.61 24.10 5.66
CA VAL B 180 -3.00 23.88 4.32
C VAL B 180 -2.22 25.13 3.91
N LYS B 181 -0.93 24.96 3.66
CA LYS B 181 -0.03 26.06 3.23
C LYS B 181 1.27 25.44 2.68
N PRO B 182 2.07 26.20 1.88
CA PRO B 182 3.33 25.63 1.34
C PRO B 182 4.28 25.05 2.35
N HIS B 183 4.41 25.67 3.52
CA HIS B 183 5.38 25.16 4.53
C HIS B 183 4.94 23.80 5.08
N ASN B 184 3.65 23.45 4.97
CA ASN B 184 3.14 22.15 5.48
C ASN B 184 3.14 21.10 4.35
N VAL B 185 3.67 21.47 3.17
CA VAL B 185 3.80 20.49 2.05
C VAL B 185 5.29 20.20 1.87
N MET B 186 5.75 19.03 2.32
CA MET B 186 7.16 18.63 2.20
C MET B 186 7.38 17.84 0.91
N ILE B 187 8.32 18.30 0.10
CA ILE B 187 8.57 17.63 -1.18
C ILE B 187 10.04 17.25 -1.33
N ASP B 188 10.27 15.98 -1.69
CA ASP B 188 11.60 15.47 -2.05
C ASP B 188 11.51 15.33 -3.56
N HIS B 189 11.87 16.43 -4.27
CA HIS B 189 11.76 16.59 -5.71
C HIS B 189 12.49 15.51 -6.50
N GLU B 190 13.72 15.17 -6.09
CA GLU B 190 14.55 14.12 -6.70
C GLU B 190 13.79 12.79 -6.77
N HIS B 191 13.07 12.45 -5.70
CA HIS B 191 12.30 11.21 -5.60
C HIS B 191 10.81 11.43 -5.90
N ARG B 192 10.43 12.68 -6.29
CA ARG B 192 9.04 13.09 -6.60
C ARG B 192 8.06 12.63 -5.49
N LYS B 193 8.50 12.76 -4.24
CA LYS B 193 7.81 12.33 -3.02
C LYS B 193 7.23 13.54 -2.34
N LEU B 194 5.97 13.44 -1.90
CA LEU B 194 5.27 14.56 -1.25
C LEU B 194 4.58 14.07 0.03
N ARG B 195 4.67 14.87 1.13
CA ARG B 195 4.00 14.59 2.40
C ARG B 195 3.31 15.83 2.94
N LEU B 196 2.07 15.66 3.41
CA LEU B 196 1.33 16.76 4.07
C LEU B 196 1.63 16.65 5.57
N ILE B 197 2.17 17.70 6.19
CA ILE B 197 2.61 17.59 7.60
C ILE B 197 1.87 18.55 8.54
N ASP B 198 2.26 18.57 9.82
CA ASP B 198 1.68 19.48 10.83
C ASP B 198 0.16 19.30 10.91
N TRP B 199 -0.28 18.25 11.59
CA TRP B 199 -1.74 17.99 11.78
C TRP B 199 -2.15 18.50 13.17
N GLY B 200 -1.38 19.44 13.73
CA GLY B 200 -1.67 19.99 15.07
C GLY B 200 -2.90 20.89 15.09
N LEU B 201 -3.37 21.35 13.94
CA LEU B 201 -4.62 22.16 13.88
C LEU B 201 -5.76 21.32 13.31
N ALA B 202 -5.48 20.07 12.95
CA ALA B 202 -6.50 19.23 12.34
C ALA B 202 -7.63 18.89 13.33
N GLU B 203 -8.82 18.69 12.78
CA GLU B 203 -9.99 18.36 13.60
C GLU B 203 -10.88 17.33 12.95
N PHE B 204 -11.67 16.63 13.79
CA PHE B 204 -12.66 15.68 13.33
C PHE B 204 -13.89 16.44 12.89
N TYR B 205 -14.36 16.16 11.68
CA TYR B 205 -15.59 16.80 11.19
C TYR B 205 -16.83 16.07 11.75
N HIS B 206 -17.74 16.83 12.34
CA HIS B 206 -19.02 16.37 12.90
C HIS B 206 -20.07 17.33 12.35
N PRO B 207 -21.05 16.84 11.55
CA PRO B 207 -22.05 17.75 10.95
C PRO B 207 -22.77 18.62 11.99
N GLY B 208 -22.88 19.90 11.67
CA GLY B 208 -23.51 20.88 12.54
C GLY B 208 -22.62 21.47 13.61
N GLN B 209 -21.38 20.94 13.79
CA GLN B 209 -20.49 21.42 14.84
C GLN B 209 -19.96 22.82 14.55
N GLU B 210 -19.90 23.67 15.59
CA GLU B 210 -19.39 25.03 15.42
C GLU B 210 -17.91 24.99 15.89
N TYR B 211 -17.02 25.30 14.95
CA TYR B 211 -15.58 25.23 15.23
C TYR B 211 -14.98 26.62 15.46
N ASN B 212 -13.80 26.67 16.09
CA ASN B 212 -13.04 27.88 16.29
C ASN B 212 -12.54 28.35 14.91
N VAL B 213 -12.79 29.60 14.55
CA VAL B 213 -12.36 30.16 13.26
C VAL B 213 -10.87 30.60 13.27
N ARG B 214 -10.24 30.59 14.46
CA ARG B 214 -8.84 31.01 14.59
C ARG B 214 -7.91 29.85 14.26
N VAL B 215 -7.96 29.41 12.99
CA VAL B 215 -7.13 28.32 12.47
C VAL B 215 -6.54 28.78 11.12
N ALA B 216 -5.62 27.99 10.59
CA ALA B 216 -4.92 28.25 9.31
C ALA B 216 -4.03 29.52 9.39
N SER B 217 -3.11 29.67 8.44
N SER B 217 -3.10 29.66 8.44
CA SER B 217 -2.24 30.83 8.38
CA SER B 217 -2.23 30.82 8.34
C SER B 217 -2.97 31.91 7.61
C SER B 217 -3.07 31.91 7.66
N ARG B 218 -2.89 33.17 8.07
CA ARG B 218 -3.61 34.33 7.50
C ARG B 218 -3.88 34.25 6.00
N TYR B 219 -2.85 34.10 5.18
CA TYR B 219 -3.01 34.16 3.73
C TYR B 219 -3.87 33.02 3.14
N PHE B 220 -4.06 31.96 3.89
CA PHE B 220 -4.75 30.73 3.46
C PHE B 220 -6.10 30.56 4.14
N LYS B 221 -6.52 31.52 5.00
CA LYS B 221 -7.80 31.44 5.71
C LYS B 221 -8.93 31.59 4.71
N GLY B 222 -9.92 30.70 4.79
CA GLY B 222 -11.09 30.81 3.93
C GLY B 222 -11.99 31.96 4.38
N PRO B 223 -12.83 32.51 3.47
CA PRO B 223 -13.76 33.59 3.87
C PRO B 223 -14.67 33.25 5.03
N GLU B 224 -15.03 31.95 5.17
CA GLU B 224 -15.84 31.48 6.31
C GLU B 224 -15.18 31.83 7.64
N LEU B 225 -13.85 31.67 7.72
CA LEU B 225 -13.11 32.01 8.95
C LEU B 225 -13.11 33.51 9.17
N LEU B 226 -12.91 34.28 8.09
CA LEU B 226 -12.78 35.75 8.14
C LEU B 226 -14.08 36.48 8.52
N VAL B 227 -15.23 35.89 8.16
CA VAL B 227 -16.59 36.45 8.47
C VAL B 227 -17.18 35.83 9.76
N ASP B 228 -16.36 34.96 10.41
CA ASP B 228 -16.66 34.23 11.65
C ASP B 228 -17.90 33.29 11.52
N TYR B 229 -17.93 32.49 10.44
CA TYR B 229 -18.96 31.47 10.24
C TYR B 229 -18.32 30.17 10.76
N GLN B 230 -18.79 29.71 11.94
CA GLN B 230 -18.22 28.57 12.64
C GLN B 230 -18.59 27.18 12.10
N MET B 231 -19.65 27.07 11.29
CA MET B 231 -20.11 25.74 10.82
C MET B 231 -19.46 25.34 9.49
N TYR B 232 -18.11 25.41 9.45
CA TYR B 232 -17.35 25.07 8.25
C TYR B 232 -16.99 23.57 8.20
N ASP B 233 -16.39 23.15 7.09
CA ASP B 233 -16.09 21.74 6.90
C ASP B 233 -14.78 21.54 6.10
N TYR B 234 -14.60 20.31 5.50
CA TYR B 234 -13.44 19.96 4.68
C TYR B 234 -13.16 21.00 3.59
N SER B 235 -14.22 21.67 3.10
CA SER B 235 -14.09 22.66 2.06
C SER B 235 -13.13 23.83 2.41
N LEU B 236 -12.90 24.10 3.72
CA LEU B 236 -11.90 25.09 4.15
C LEU B 236 -10.54 24.72 3.51
N ASP B 237 -10.19 23.44 3.55
CA ASP B 237 -8.93 22.91 2.96
C ASP B 237 -8.84 23.16 1.47
N MET B 238 -9.97 23.13 0.76
CA MET B 238 -10.03 23.34 -0.68
C MET B 238 -9.77 24.80 -1.04
N TRP B 239 -10.21 25.73 -0.16
CA TRP B 239 -9.92 27.16 -0.31
C TRP B 239 -8.39 27.36 -0.19
N SER B 240 -7.78 26.85 0.91
CA SER B 240 -6.34 26.98 1.17
C SER B 240 -5.54 26.41 0.00
N LEU B 241 -5.93 25.25 -0.53
CA LEU B 241 -5.30 24.64 -1.70
C LEU B 241 -5.38 25.57 -2.94
N GLY B 242 -6.52 26.22 -3.14
CA GLY B 242 -6.73 27.19 -4.21
C GLY B 242 -5.77 28.36 -4.07
N CYS B 243 -5.51 28.84 -2.80
CA CYS B 243 -4.54 29.92 -2.54
C CYS B 243 -3.15 29.51 -2.97
N MET B 244 -2.78 28.25 -2.68
CA MET B 244 -1.46 27.69 -3.04
C MET B 244 -1.33 27.58 -4.55
N LEU B 245 -2.38 27.06 -5.23
CA LEU B 245 -2.40 26.94 -6.69
C LEU B 245 -2.21 28.32 -7.37
N ALA B 246 -2.94 29.34 -6.89
CA ALA B 246 -2.86 30.69 -7.42
C ALA B 246 -1.47 31.27 -7.26
N SER B 247 -0.86 31.11 -6.08
CA SER B 247 0.50 31.60 -5.86
C SER B 247 1.51 30.89 -6.79
N MET B 248 1.33 29.59 -7.00
CA MET B 248 2.23 28.81 -7.86
C MET B 248 2.11 29.17 -9.33
N ILE B 249 0.89 29.17 -9.88
CA ILE B 249 0.71 29.42 -11.32
C ILE B 249 0.98 30.89 -11.67
N PHE B 250 0.71 31.84 -10.75
CA PHE B 250 0.89 33.26 -11.03
C PHE B 250 2.24 33.82 -10.52
N ARG B 251 3.00 33.00 -9.77
CA ARG B 251 4.30 33.38 -9.17
C ARG B 251 4.12 34.68 -8.35
N LYS B 252 3.15 34.62 -7.43
CA LYS B 252 2.82 35.73 -6.54
C LYS B 252 2.59 35.11 -5.17
N GLU B 253 3.57 35.27 -4.26
CA GLU B 253 3.45 34.62 -2.94
C GLU B 253 3.47 35.62 -1.78
N PRO B 254 2.40 35.65 -0.94
CA PRO B 254 1.13 34.88 -1.06
C PRO B 254 0.26 35.55 -2.13
N PHE B 255 -0.81 34.88 -2.60
CA PHE B 255 -1.69 35.43 -3.61
C PHE B 255 -2.58 36.54 -3.01
N PHE B 256 -3.21 36.21 -1.86
CA PHE B 256 -4.05 37.12 -1.08
C PHE B 256 -3.20 37.62 0.12
N HIS B 257 -2.58 38.80 -0.04
CA HIS B 257 -1.61 39.36 0.88
C HIS B 257 -2.22 40.29 1.94
N GLY B 258 -3.00 39.73 2.85
CA GLY B 258 -3.58 40.54 3.92
C GLY B 258 -2.56 40.90 4.99
N HIS B 259 -2.77 42.03 5.68
CA HIS B 259 -1.88 42.48 6.76
C HIS B 259 -2.45 42.18 8.14
N ASP B 260 -3.73 41.78 8.18
CA ASP B 260 -4.45 41.32 9.38
C ASP B 260 -5.66 40.51 8.90
N ASN B 261 -6.41 39.87 9.82
CA ASN B 261 -7.57 39.03 9.44
C ASN B 261 -8.69 39.81 8.74
N TYR B 262 -8.91 41.08 9.08
CA TYR B 262 -9.93 41.86 8.40
C TYR B 262 -9.45 42.27 7.00
N ASP B 263 -8.21 42.76 6.91
CA ASP B 263 -7.60 43.12 5.63
C ASP B 263 -7.51 41.89 4.69
N GLN B 264 -7.33 40.70 5.26
CA GLN B 264 -7.28 39.47 4.46
C GLN B 264 -8.60 39.33 3.62
N LEU B 265 -9.77 39.62 4.22
CA LEU B 265 -11.02 39.55 3.46
C LEU B 265 -11.09 40.62 2.38
N VAL B 266 -10.51 41.81 2.66
CA VAL B 266 -10.44 42.89 1.69
C VAL B 266 -9.64 42.46 0.47
N ARG B 267 -8.45 41.84 0.68
CA ARG B 267 -7.59 41.34 -0.41
C ARG B 267 -8.37 40.34 -1.30
N ILE B 268 -9.13 39.44 -0.64
CA ILE B 268 -9.95 38.47 -1.35
C ILE B 268 -11.03 39.22 -2.15
N ALA B 269 -11.71 40.19 -1.53
CA ALA B 269 -12.73 40.98 -2.21
C ALA B 269 -12.21 41.80 -3.40
N LYS B 270 -10.92 42.22 -3.39
CA LYS B 270 -10.34 42.97 -4.52
C LYS B 270 -10.19 42.08 -5.78
N VAL B 271 -10.29 40.74 -5.60
CA VAL B 271 -10.20 39.75 -6.68
C VAL B 271 -11.60 39.17 -6.99
N LEU B 272 -12.26 38.54 -5.97
CA LEU B 272 -13.59 37.91 -6.17
C LEU B 272 -14.73 38.92 -6.31
N GLY B 273 -14.48 40.16 -5.89
CA GLY B 273 -15.49 41.22 -5.91
C GLY B 273 -16.41 41.19 -4.68
N THR B 274 -17.05 42.33 -4.41
CA THR B 274 -17.95 42.47 -3.25
C THR B 274 -19.39 41.97 -3.51
N GLU B 275 -19.87 41.96 -4.76
CA GLU B 275 -21.25 41.47 -5.08
C GLU B 275 -21.44 40.03 -4.55
N ASP B 276 -20.54 39.13 -4.96
CA ASP B 276 -20.56 37.72 -4.51
C ASP B 276 -20.33 37.55 -3.00
N LEU B 277 -19.57 38.46 -2.36
CA LEU B 277 -19.39 38.39 -0.91
C LEU B 277 -20.77 38.63 -0.20
N TYR B 278 -21.55 39.66 -0.64
CA TYR B 278 -22.86 39.92 -0.05
C TYR B 278 -23.83 38.76 -0.31
N ASP B 279 -23.76 38.11 -1.50
CA ASP B 279 -24.58 36.91 -1.77
C ASP B 279 -24.25 35.81 -0.78
N TYR B 280 -22.95 35.59 -0.52
CA TYR B 280 -22.48 34.58 0.43
C TYR B 280 -22.99 34.83 1.86
N ILE B 281 -22.77 36.04 2.38
CA ILE B 281 -23.20 36.35 3.73
C ILE B 281 -24.76 36.32 3.83
N ASP B 282 -25.47 36.65 2.74
CA ASP B 282 -26.94 36.60 2.74
C ASP B 282 -27.44 35.17 2.71
N LYS B 283 -26.79 34.30 1.90
CA LYS B 283 -27.15 32.89 1.83
C LYS B 283 -27.08 32.22 3.22
N TYR B 284 -26.07 32.60 4.04
CA TYR B 284 -25.92 31.96 5.34
C TYR B 284 -26.37 32.82 6.51
N ASN B 285 -27.00 33.96 6.21
CA ASN B 285 -27.47 34.93 7.21
C ASN B 285 -26.34 35.32 8.19
N ILE B 286 -25.14 35.64 7.62
CA ILE B 286 -23.95 36.05 8.37
C ILE B 286 -23.96 37.56 8.58
N GLU B 287 -23.69 37.96 9.82
CA GLU B 287 -23.55 39.34 10.24
C GLU B 287 -22.07 39.75 10.07
N LEU B 288 -21.77 40.70 9.17
CA LEU B 288 -20.40 41.18 8.96
C LEU B 288 -20.01 42.07 10.14
N ASP B 289 -18.84 41.82 10.71
CA ASP B 289 -18.31 42.63 11.81
C ASP B 289 -18.27 44.13 11.41
N PRO B 290 -18.63 45.08 12.32
CA PRO B 290 -18.58 46.52 11.97
C PRO B 290 -17.18 47.03 11.59
N ARG B 291 -16.12 46.27 11.90
CA ARG B 291 -14.74 46.63 11.51
C ARG B 291 -14.55 46.61 10.00
N PHE B 292 -15.41 45.87 9.27
CA PHE B 292 -15.36 45.82 7.81
C PHE B 292 -15.97 47.06 7.14
N ASN B 293 -16.77 47.86 7.88
CA ASN B 293 -17.51 49.00 7.34
C ASN B 293 -16.70 50.02 6.55
N ASP B 294 -15.55 50.47 7.08
CA ASP B 294 -14.74 51.48 6.40
C ASP B 294 -13.62 50.92 5.52
N ILE B 295 -13.34 49.60 5.58
CA ILE B 295 -12.23 49.03 4.82
C ILE B 295 -12.62 48.17 3.59
N LEU B 296 -13.86 47.68 3.54
CA LEU B 296 -14.29 46.78 2.48
C LEU B 296 -14.44 47.43 1.12
N GLY B 297 -15.05 48.62 1.05
CA GLY B 297 -15.31 49.31 -0.20
C GLY B 297 -16.22 48.53 -1.14
N ARG B 298 -16.04 48.79 -2.44
CA ARG B 298 -16.75 48.21 -3.56
C ARG B 298 -15.72 47.76 -4.57
N HIS B 299 -15.78 46.48 -4.92
CA HIS B 299 -14.82 45.90 -5.87
C HIS B 299 -15.51 45.04 -6.90
N SER B 300 -15.10 45.16 -8.16
CA SER B 300 -15.66 44.34 -9.25
C SER B 300 -15.04 42.94 -9.15
N ARG B 301 -15.72 41.96 -9.72
CA ARG B 301 -15.19 40.59 -9.80
C ARG B 301 -14.18 40.57 -10.93
N LYS B 302 -12.91 40.20 -10.65
CA LYS B 302 -11.86 40.23 -11.67
C LYS B 302 -11.77 38.96 -12.50
N ARG B 303 -11.35 39.09 -13.75
CA ARG B 303 -11.09 37.93 -14.61
C ARG B 303 -9.74 37.36 -14.17
N TRP B 304 -9.64 36.03 -13.99
CA TRP B 304 -8.38 35.37 -13.61
C TRP B 304 -7.25 35.64 -14.58
N GLU B 305 -7.58 35.88 -15.89
CA GLU B 305 -6.61 36.21 -16.94
C GLU B 305 -5.80 37.50 -16.66
N ARG B 306 -6.34 38.42 -15.86
CA ARG B 306 -5.67 39.67 -15.47
C ARG B 306 -4.36 39.41 -14.68
N PHE B 307 -4.22 38.22 -14.06
CA PHE B 307 -3.02 37.87 -13.29
C PHE B 307 -1.93 37.23 -14.13
N VAL B 308 -2.20 37.02 -15.44
CA VAL B 308 -1.20 36.41 -16.32
C VAL B 308 -0.21 37.52 -16.74
N HIS B 309 1.07 37.21 -16.71
CA HIS B 309 2.15 38.12 -17.08
C HIS B 309 3.23 37.31 -17.76
N SER B 310 4.27 37.98 -18.33
CA SER B 310 5.38 37.31 -19.01
C SER B 310 6.12 36.31 -18.11
N GLU B 311 6.28 36.61 -16.81
CA GLU B 311 7.00 35.72 -15.90
C GLU B 311 6.24 34.44 -15.51
N ASN B 312 4.90 34.41 -15.69
CA ASN B 312 4.13 33.22 -15.27
C ASN B 312 3.32 32.50 -16.36
N GLN B 313 3.28 33.08 -17.59
CA GLN B 313 2.44 32.56 -18.69
C GLN B 313 2.74 31.10 -19.06
N HIS B 314 3.99 30.63 -18.81
CA HIS B 314 4.38 29.25 -19.06
C HIS B 314 3.72 28.25 -18.04
N LEU B 315 3.07 28.78 -16.98
CA LEU B 315 2.43 27.95 -15.93
C LEU B 315 0.90 28.02 -16.00
N VAL B 316 0.39 28.96 -16.79
CA VAL B 316 -1.04 29.22 -16.93
C VAL B 316 -1.60 28.58 -18.21
N SER B 317 -2.86 28.13 -18.12
CA SER B 317 -3.61 27.49 -19.21
C SER B 317 -5.10 27.74 -18.94
N PRO B 318 -6.00 27.66 -19.96
CA PRO B 318 -7.44 27.81 -19.67
C PRO B 318 -7.92 26.78 -18.62
N GLU B 319 -7.36 25.53 -18.63
CA GLU B 319 -7.69 24.45 -17.69
C GLU B 319 -7.35 24.89 -16.25
N ALA B 320 -6.12 25.41 -16.05
CA ALA B 320 -5.63 25.89 -14.73
C ALA B 320 -6.54 26.98 -14.18
N LEU B 321 -6.95 27.93 -15.03
CA LEU B 321 -7.83 29.04 -14.67
C LEU B 321 -9.25 28.60 -14.32
N ASP B 322 -9.81 27.66 -15.09
CA ASP B 322 -11.14 27.10 -14.81
C ASP B 322 -11.11 26.33 -13.48
N PHE B 323 -10.02 25.57 -13.23
CA PHE B 323 -9.86 24.81 -11.99
C PHE B 323 -9.77 25.75 -10.77
N LEU B 324 -8.90 26.78 -10.85
CA LEU B 324 -8.75 27.78 -9.80
C LEU B 324 -10.06 28.47 -9.46
N ASP B 325 -10.81 28.85 -10.51
CA ASP B 325 -12.11 29.52 -10.41
C ASP B 325 -13.11 28.67 -9.62
N LYS B 326 -12.99 27.33 -9.74
CA LYS B 326 -13.88 26.38 -9.04
C LYS B 326 -13.47 26.08 -7.58
N LEU B 327 -12.27 26.54 -7.15
CA LEU B 327 -11.78 26.35 -5.77
C LEU B 327 -11.94 27.66 -5.00
N LEU B 328 -11.57 28.79 -5.62
CA LEU B 328 -11.60 30.07 -4.97
C LEU B 328 -12.95 30.73 -5.13
N ARG B 329 -13.92 30.25 -4.36
CA ARG B 329 -15.29 30.73 -4.30
C ARG B 329 -15.61 31.03 -2.85
N TYR B 330 -16.36 32.11 -2.64
CA TYR B 330 -16.76 32.50 -1.30
C TYR B 330 -17.53 31.36 -0.65
N ASP B 331 -18.54 30.86 -1.38
CA ASP B 331 -19.43 29.83 -0.87
C ASP B 331 -18.68 28.52 -0.74
N HIS B 332 -18.41 28.10 0.50
CA HIS B 332 -17.68 26.86 0.82
C HIS B 332 -18.36 25.62 0.22
N GLN B 333 -19.72 25.62 0.15
CA GLN B 333 -20.47 24.53 -0.46
C GLN B 333 -20.27 24.44 -1.99
N SER B 334 -20.02 25.57 -2.67
N SER B 334 -20.02 25.57 -2.67
CA SER B 334 -19.85 25.64 -4.12
CA SER B 334 -19.86 25.61 -4.13
C SER B 334 -18.47 25.21 -4.62
C SER B 334 -18.48 25.15 -4.61
N ARG B 335 -17.48 25.13 -3.71
CA ARG B 335 -16.10 24.72 -4.06
C ARG B 335 -16.05 23.26 -4.42
N LEU B 336 -15.15 22.91 -5.35
CA LEU B 336 -14.93 21.48 -5.68
C LEU B 336 -14.48 20.74 -4.44
N THR B 337 -14.95 19.48 -4.27
CA THR B 337 -14.48 18.63 -3.19
C THR B 337 -13.14 18.11 -3.73
N ALA B 338 -12.29 17.51 -2.88
CA ALA B 338 -11.02 16.94 -3.33
C ALA B 338 -11.24 15.88 -4.43
N ARG B 339 -12.30 15.03 -4.28
CA ARG B 339 -12.64 13.99 -5.27
C ARG B 339 -13.07 14.61 -6.60
N GLU B 340 -13.87 15.67 -6.56
CA GLU B 340 -14.28 16.38 -7.77
C GLU B 340 -13.08 17.05 -8.43
N ALA B 341 -12.20 17.67 -7.61
CA ALA B 341 -10.98 18.33 -8.11
C ALA B 341 -10.09 17.35 -8.90
N MET B 342 -9.97 16.11 -8.42
CA MET B 342 -9.15 15.07 -9.07
C MET B 342 -9.65 14.69 -10.49
N GLU B 343 -10.94 14.92 -10.77
CA GLU B 343 -11.58 14.63 -12.07
C GLU B 343 -11.48 15.84 -13.05
N HIS B 344 -10.90 16.96 -12.61
CA HIS B 344 -10.82 18.16 -13.45
C HIS B 344 -9.88 17.99 -14.64
N PRO B 345 -10.23 18.55 -15.85
CA PRO B 345 -9.31 18.44 -17.01
C PRO B 345 -7.88 18.88 -16.78
N TYR B 346 -7.64 19.78 -15.78
CA TYR B 346 -6.29 20.23 -15.41
C TYR B 346 -5.36 19.04 -15.08
N PHE B 347 -5.91 17.92 -14.58
CA PHE B 347 -5.14 16.72 -14.25
C PHE B 347 -5.16 15.61 -15.31
N TYR B 348 -5.69 15.88 -16.52
CA TYR B 348 -5.72 14.83 -17.57
C TYR B 348 -4.32 14.31 -17.92
N THR B 349 -3.30 15.18 -17.89
CA THR B 349 -1.90 14.84 -18.19
C THR B 349 -1.18 14.10 -17.03
N VAL B 350 -1.82 13.94 -15.86
CA VAL B 350 -1.17 13.22 -14.76
C VAL B 350 -1.79 11.82 -14.62
O1 1NP C . -6.65 -29.48 -12.93
C1 1NP C . -5.50 -29.27 -12.21
C8A 1NP C . -5.67 -28.67 -10.92
C8 1NP C . -6.93 -28.54 -10.27
C7 1NP C . -7.01 -27.95 -9.04
C2 1NP C . -4.25 -29.49 -12.74
C3 1NP C . -3.13 -29.07 -12.03
C4 1NP C . -3.23 -28.45 -10.83
C4A 1NP C . -4.50 -28.22 -10.24
C5 1NP C . -4.66 -27.58 -8.98
C6 1NP C . -5.88 -27.46 -8.40
O1 1NP D . 1.00 23.45 -3.59
C1 1NP D . 2.04 23.08 -4.37
C8A 1NP D . 3.34 23.12 -3.79
C8 1NP D . 3.58 23.42 -2.41
C7 1NP D . 4.85 23.57 -1.94
C2 1NP D . 1.88 22.77 -5.70
C3 1NP D . 2.98 22.50 -6.50
C4 1NP D . 4.24 22.55 -5.98
C4A 1NP D . 4.46 22.90 -4.62
C5 1NP D . 5.76 23.07 -4.09
C6 1NP D . 5.94 23.43 -2.79
O1 1NP E . 9.57 14.86 7.77
C1 1NP E . 9.09 15.95 8.43
C8A 1NP E . 9.74 17.19 8.14
C8 1NP E . 10.82 17.32 7.23
C7 1NP E . 11.43 18.53 7.03
C2 1NP E . 8.06 15.89 9.34
C3 1NP E . 7.64 17.03 10.00
C4 1NP E . 8.24 18.24 9.77
C4A 1NP E . 9.30 18.35 8.85
C5 1NP E . 9.97 19.59 8.62
C6 1NP E . 11.01 19.66 7.73
C ACT F . -8.08 24.59 17.60
O ACT F . -6.91 24.15 17.66
OXT ACT F . -9.12 23.88 17.50
CH3 ACT F . -8.25 26.14 17.62
C ACT G . -20.10 38.64 -10.40
O ACT G . -21.05 38.87 -9.62
OXT ACT G . -19.16 37.86 -10.17
CH3 ACT G . -20.10 39.37 -11.76
#